data_8X9P
#
_entry.id   8X9P
#
_cell.length_a   1.00
_cell.length_b   1.00
_cell.length_c   1.00
_cell.angle_alpha   90.00
_cell.angle_beta   90.00
_cell.angle_gamma   90.00
#
_symmetry.space_group_name_H-M   'P 1'
#
loop_
_entity.id
_entity.type
_entity.pdbx_description
1 polymer 'Tubulin alpha chain'
2 polymer 'Tubulin beta chain'
3 polymer 'Disks large-associated protein 5,Green fluorescent protein'
#
loop_
_entity_poly.entity_id
_entity_poly.type
_entity_poly.pdbx_seq_one_letter_code
_entity_poly.pdbx_strand_id
1 'polypeptide(L)'
;MRECISIHVGQAGVQIGNACWELYCLEHGIQPDGQMPSDKTIGGGDDSFNTFFSETGAGKHVPRAVFVDLEPTVIDEVRT
GTYRQLFHPEQLITGKEDAANNYARGHYTIGKEIIDLVLDRIRKLADQCTGLQGFSVFHSFGGGTGSGFTSLLMERLSVD
YGKKSKLEFSIYPAPQVSTAVVEPYNSILTTHTTLEHSDCAFMVDNEAIYDICRRNLDIERPTYTNLNRLIGQIVSSITA
SLRFDGALNVDLTEFQTNLVPYPRGHFPLATYAPVISAEKAYHEQLSVAEITNACFEPANQMVKCDPRHGKYMACCLLYR
GDVVPKDVNAAIATIKTKRTIQFVDWCPTGFKVGINYEPPTVVPGGDLAKVQRAVCMLSNTTAIAEAWARLDHKFDLMYA
KRAFVHWYVGEGMEEGEFSEAREDMAALEKDYEEVGVDS
;
A
2 'polypeptide(L)'
;MREIVHIQAGQCGNQIGAKFWEVISDEHGIDPTGSYHGDSDLQLERINVYYNEAAGNKYVPRAILVDLEPGTMDSVRSGP
FGQIFRPDNFVFGQSGAGNNWAKGHYTEGAELVDSVLDVVRKESESCDCLQGFQLTHSLGGGTGSGMGTLLISKIREEYP
DRIMNTFSVVPSPKVSDTVVEPYNATLSVHQLVENTDETYCIDNEALYDICFRTLKLTTPTYGDLNHLVSATMSGVTTCL
RFPGQLNADLRKLAVNMVPFPRLHFFMPGFAPLTSRGSQQYRALTVPELTQQMFDAKNMMAACDPRHGRYLTVAAVFRGR
MSMKEVDEQMLNVQNKNSSYFVEWIPNNVKTAVCDIPPRGLKMSATFIGNSTAIQELFKRISEQFTAMFRRKAFLHWYTG
EGMDEMEFTEAESNMNDLVSEYQQYQD
;
B
3 'polypeptide(L)'
;MGSSHHHHHHSQDPNSDYDIPTTENLYFQGAAAMPTSLRMTRSATQAAKQVPRTVSSTTARKPVTRAANENEPEGKVPSK
GRPAKNVETKPDKGISCKVDSEENTLNSQTNATSGMNPDGVLSKMENLPEINTAKIKGKNSFAPKDFMFQPLDGLKTYQV
TPMTPRSANAFLTPSYTWTPLKTEVDESQATKEILAQKCKTYSTKTIQQDSNKLPCPLGPLTVWHEEHVLNKNEATTKNL
NGLPIKEVPSLERNEGRIAQPHHGVPYFRNILQSETEKLTSHCFEWDRKLELDIPDDAKDLIRTAVGQTRLLMKERFKQF
EGLVDDCEYKRGIKETTCTDLDGFWDMVSFQIEDVIHKFNNLIKLEESGWQVNNNMNHNMNKNVFRKKVVSGIASKPKQD
DAGRIAARNRLAAIKNAMRERIRQEECAETAVSVIPKEVDKIVFDAGFFRVESPLEGMVSKGEELFTGVVPILVELDGDV
NGHKFSVSGEGEGDATYGKLTLKFICTTGKLPVPWPTLVTTLTYGVQCFSRYPDHMKQHDFFKSAMPEGYVQERTIFFKD
DGNYKTRAEVKFEGDTLVNRIELKGIDFKEDGNILGHKLEYNYNSHNVYIMADKQKNGIKVNFKIRHNIEDGSVQLADHY
QQNTPIGDGPVLLPDNHYLSTQSALSKDPNEKRDH
;
C
#
# COMPACT_ATOMS: atom_id res chain seq x y z
N MET A 1 -44.47 12.64 0.91
CA MET A 1 -43.61 11.58 0.43
C MET A 1 -42.89 12.06 -0.82
N ARG A 2 -41.56 12.11 -0.75
CA ARG A 2 -40.73 12.53 -1.87
C ARG A 2 -39.46 11.69 -1.82
N GLU A 3 -39.41 10.63 -2.64
CA GLU A 3 -38.37 9.62 -2.53
C GLU A 3 -36.99 10.20 -2.83
N CYS A 4 -35.97 9.60 -2.22
CA CYS A 4 -34.58 9.99 -2.43
C CYS A 4 -33.71 8.74 -2.27
N ILE A 5 -33.40 8.09 -3.36
CA ILE A 5 -32.57 6.90 -3.31
C ILE A 5 -31.13 7.34 -3.05
N SER A 6 -30.34 6.44 -2.49
CA SER A 6 -28.96 6.73 -2.12
C SER A 6 -28.02 5.74 -2.81
N ILE A 7 -26.88 6.26 -3.27
CA ILE A 7 -25.86 5.46 -3.93
C ILE A 7 -24.62 5.47 -3.06
N HIS A 8 -24.12 4.29 -2.73
CA HIS A 8 -22.95 4.13 -1.87
C HIS A 8 -21.87 3.47 -2.70
N VAL A 9 -20.73 4.16 -2.85
CA VAL A 9 -19.66 3.70 -3.70
C VAL A 9 -18.35 3.75 -2.93
N GLY A 10 -17.52 2.73 -3.12
CA GLY A 10 -16.24 2.65 -2.46
C GLY A 10 -16.30 1.90 -1.14
N GLN A 11 -15.11 1.50 -0.69
CA GLN A 11 -15.00 0.74 0.56
C GLN A 11 -15.51 1.55 1.75
N ALA A 12 -15.00 2.77 1.92
CA ALA A 12 -15.41 3.59 3.05
C ALA A 12 -16.87 4.01 2.91
N GLY A 13 -17.31 4.30 1.68
CA GLY A 13 -18.70 4.63 1.48
C GLY A 13 -19.64 3.51 1.88
N VAL A 14 -19.29 2.27 1.51
CA VAL A 14 -20.12 1.14 1.87
C VAL A 14 -20.13 0.93 3.38
N GLN A 15 -18.98 1.11 4.04
CA GLN A 15 -18.94 0.94 5.49
C GLN A 15 -19.83 1.98 6.19
N ILE A 16 -19.69 3.24 5.83
CA ILE A 16 -20.49 4.27 6.49
C ILE A 16 -21.96 4.10 6.13
N GLY A 17 -22.24 3.59 4.93
CA GLY A 17 -23.62 3.30 4.57
C GLY A 17 -24.22 2.21 5.43
N ASN A 18 -23.45 1.14 5.66
CA ASN A 18 -23.90 0.11 6.59
C ASN A 18 -24.21 0.71 7.95
N ALA A 19 -23.31 1.55 8.46
CA ALA A 19 -23.52 2.14 9.78
C ALA A 19 -24.79 2.98 9.82
N CYS A 20 -24.98 3.86 8.82
CA CYS A 20 -26.11 4.76 8.87
C CYS A 20 -27.42 4.01 8.64
N TRP A 21 -27.39 2.94 7.85
CA TRP A 21 -28.61 2.16 7.65
C TRP A 21 -28.97 1.38 8.92
N GLU A 22 -27.97 0.84 9.62
CA GLU A 22 -28.23 0.23 10.91
C GLU A 22 -28.89 1.23 11.86
N LEU A 23 -28.36 2.45 11.89
CA LEU A 23 -28.90 3.42 12.85
C LEU A 23 -30.28 3.93 12.41
N TYR A 24 -30.53 4.02 11.11
CA TYR A 24 -31.87 4.33 10.62
C TYR A 24 -32.87 3.26 11.06
N CYS A 25 -32.49 1.99 10.91
CA CYS A 25 -33.37 0.91 11.33
C CYS A 25 -33.60 0.94 12.83
N LEU A 26 -32.56 1.24 13.61
CA LEU A 26 -32.72 1.35 15.05
C LEU A 26 -33.70 2.46 15.43
N GLU A 27 -33.55 3.64 14.83
CA GLU A 27 -34.43 4.73 15.19
C GLU A 27 -35.85 4.48 14.72
N HIS A 28 -36.03 3.84 13.57
CA HIS A 28 -37.35 3.60 13.00
C HIS A 28 -37.96 2.29 13.46
N GLY A 29 -37.28 1.53 14.33
CA GLY A 29 -37.82 0.28 14.81
C GLY A 29 -38.01 -0.77 13.73
N ILE A 30 -37.00 -0.91 12.87
CA ILE A 30 -37.03 -1.90 11.79
C ILE A 30 -35.99 -2.97 12.12
N GLN A 31 -36.46 -4.18 12.37
CA GLN A 31 -35.57 -5.28 12.68
C GLN A 31 -34.82 -5.71 11.41
N PRO A 32 -33.72 -6.46 11.58
CA PRO A 32 -32.99 -6.93 10.38
C PRO A 32 -33.85 -7.73 9.42
N ASP A 33 -34.90 -8.39 9.91
CA ASP A 33 -35.83 -9.07 9.01
C ASP A 33 -36.48 -8.10 8.04
N GLY A 34 -36.60 -6.83 8.43
CA GLY A 34 -37.19 -5.81 7.59
C GLY A 34 -38.67 -5.62 7.77
N GLN A 35 -39.32 -6.46 8.56
CA GLN A 35 -40.76 -6.34 8.78
C GLN A 35 -41.05 -5.12 9.65
N MET A 36 -42.30 -4.68 9.62
CA MET A 36 -42.72 -3.50 10.36
C MET A 36 -43.57 -3.93 11.53
N PRO A 37 -43.02 -4.01 12.74
CA PRO A 37 -43.84 -4.39 13.90
C PRO A 37 -44.89 -3.33 14.20
N SER A 38 -46.03 -3.81 14.71
CA SER A 38 -47.12 -2.90 15.05
C SER A 38 -46.72 -1.93 16.15
N ASP A 39 -46.00 -2.41 17.16
CA ASP A 39 -45.54 -1.56 18.25
C ASP A 39 -44.33 -0.70 17.87
N LYS A 40 -43.67 -1.00 16.74
CA LYS A 40 -42.48 -0.27 16.33
C LYS A 40 -42.76 0.72 15.21
N THR A 41 -44.03 1.03 14.96
CA THR A 41 -44.40 1.99 13.92
C THR A 41 -44.11 3.40 14.42
N ILE A 42 -42.83 3.76 14.40
CA ILE A 42 -42.39 5.07 14.86
C ILE A 42 -42.61 6.09 13.76
N GLY A 43 -43.27 7.19 14.10
CA GLY A 43 -43.61 8.24 13.14
C GLY A 43 -45.08 8.58 13.09
N GLY A 44 -45.95 7.85 13.79
CA GLY A 44 -47.37 8.13 13.79
C GLY A 44 -48.02 7.98 12.42
N GLY A 45 -47.61 6.97 11.66
CA GLY A 45 -48.15 6.74 10.34
C GLY A 45 -47.58 7.60 9.24
N ASP A 46 -46.62 8.48 9.56
CA ASP A 46 -46.04 9.34 8.54
C ASP A 46 -45.18 8.53 7.58
N ASP A 47 -45.30 8.85 6.29
CA ASP A 47 -44.53 8.20 5.25
C ASP A 47 -43.14 8.81 5.07
N SER A 48 -42.71 9.63 6.02
CA SER A 48 -41.37 10.21 5.94
C SER A 48 -40.30 9.12 5.99
N PHE A 49 -40.58 8.02 6.69
CA PHE A 49 -39.69 6.86 6.61
C PHE A 49 -39.90 6.10 5.31
N ASN A 50 -41.12 6.13 4.75
CA ASN A 50 -41.36 5.55 3.43
C ASN A 50 -40.63 6.31 2.34
N THR A 51 -40.14 7.51 2.63
CA THR A 51 -39.27 8.20 1.68
C THR A 51 -38.01 7.39 1.38
N PHE A 52 -37.40 6.82 2.42
CA PHE A 52 -36.19 6.03 2.26
C PHE A 52 -36.46 4.54 2.11
N PHE A 53 -37.57 4.03 2.64
CA PHE A 53 -37.88 2.61 2.63
C PHE A 53 -39.06 2.33 1.73
N SER A 54 -39.03 1.18 1.07
CA SER A 54 -40.11 0.74 0.20
C SER A 54 -40.75 -0.52 0.79
N GLU A 55 -42.07 -0.47 0.95
CA GLU A 55 -42.80 -1.60 1.50
C GLU A 55 -43.12 -2.60 0.39
N THR A 56 -42.81 -3.87 0.63
CA THR A 56 -43.12 -4.92 -0.33
C THR A 56 -44.56 -5.38 -0.12
N GLY A 57 -44.96 -6.43 -0.84
CA GLY A 57 -46.31 -6.93 -0.71
C GLY A 57 -46.58 -7.68 0.58
N ALA A 58 -45.52 -8.09 1.28
CA ALA A 58 -45.64 -8.80 2.55
C ALA A 58 -45.44 -7.89 3.75
N GLY A 59 -45.41 -6.57 3.54
CA GLY A 59 -45.20 -5.63 4.61
C GLY A 59 -43.74 -5.38 4.97
N LYS A 60 -42.81 -6.07 4.32
CA LYS A 60 -41.39 -5.86 4.58
C LYS A 60 -40.93 -4.56 3.94
N HIS A 61 -40.13 -3.80 4.68
CA HIS A 61 -39.62 -2.51 4.22
C HIS A 61 -38.22 -2.68 3.65
N VAL A 62 -38.01 -2.14 2.45
CA VAL A 62 -36.75 -2.27 1.73
C VAL A 62 -36.20 -0.88 1.48
N PRO A 63 -34.99 -0.56 1.93
CA PRO A 63 -34.42 0.76 1.67
C PRO A 63 -34.08 0.94 0.20
N ARG A 64 -34.10 2.21 -0.24
CA ARG A 64 -33.67 2.55 -1.60
C ARG A 64 -32.19 2.93 -1.57
N ALA A 65 -31.35 1.90 -1.44
CA ALA A 65 -29.92 2.08 -1.39
C ALA A 65 -29.28 1.22 -2.46
N VAL A 66 -28.21 1.71 -3.06
CA VAL A 66 -27.49 1.00 -4.11
C VAL A 66 -26.04 0.87 -3.64
N PHE A 67 -25.73 -0.23 -2.97
CA PHE A 67 -24.37 -0.47 -2.51
C PHE A 67 -23.52 -0.93 -3.70
N VAL A 68 -22.54 -0.12 -4.07
CA VAL A 68 -21.70 -0.38 -5.23
C VAL A 68 -20.25 -0.40 -4.78
N ASP A 69 -19.53 -1.45 -5.17
CA ASP A 69 -18.09 -1.48 -4.95
C ASP A 69 -17.46 -2.42 -5.96
N LEU A 70 -16.18 -2.20 -6.20
CA LEU A 70 -15.42 -2.98 -7.17
C LEU A 70 -14.73 -4.19 -6.54
N GLU A 71 -14.75 -4.32 -5.22
CA GLU A 71 -14.15 -5.45 -4.54
C GLU A 71 -15.23 -6.27 -3.86
N PRO A 72 -15.20 -7.60 -3.98
CA PRO A 72 -16.30 -8.40 -3.45
C PRO A 72 -16.29 -8.55 -1.94
N THR A 73 -15.13 -8.44 -1.29
CA THR A 73 -15.04 -8.76 0.13
C THR A 73 -15.87 -7.82 0.99
N VAL A 74 -15.81 -6.51 0.69
CA VAL A 74 -16.53 -5.54 1.52
C VAL A 74 -18.04 -5.76 1.44
N ILE A 75 -18.54 -6.14 0.28
CA ILE A 75 -19.97 -6.46 0.15
C ILE A 75 -20.25 -7.91 0.53
N ASP A 76 -19.23 -8.78 0.52
CA ASP A 76 -19.41 -10.10 1.09
C ASP A 76 -19.67 -10.01 2.59
N GLU A 77 -19.02 -9.08 3.27
CA GLU A 77 -19.33 -8.84 4.68
C GLU A 77 -20.77 -8.38 4.85
N VAL A 78 -21.26 -7.56 3.92
CA VAL A 78 -22.66 -7.15 3.96
C VAL A 78 -23.58 -8.35 3.79
N ARG A 79 -23.24 -9.23 2.84
CA ARG A 79 -24.01 -10.45 2.63
C ARG A 79 -24.01 -11.33 3.88
N THR A 80 -22.91 -11.34 4.61
CA THR A 80 -22.81 -12.13 5.83
C THR A 80 -23.20 -11.34 7.07
N GLY A 81 -23.59 -10.08 6.92
CA GLY A 81 -24.00 -9.30 8.07
C GLY A 81 -25.39 -9.67 8.54
N THR A 82 -25.74 -9.12 9.71
CA THR A 82 -27.05 -9.41 10.30
C THR A 82 -28.20 -8.81 9.49
N TYR A 83 -27.92 -7.80 8.66
CA TYR A 83 -28.91 -7.19 7.80
C TYR A 83 -28.89 -7.77 6.38
N ARG A 84 -28.49 -9.04 6.25
CA ARG A 84 -28.40 -9.65 4.93
C ARG A 84 -29.77 -9.73 4.25
N GLN A 85 -30.80 -10.11 5.00
CA GLN A 85 -32.14 -10.25 4.44
C GLN A 85 -32.82 -8.91 4.22
N LEU A 86 -32.23 -7.82 4.67
CA LEU A 86 -32.83 -6.50 4.49
C LEU A 86 -32.65 -5.99 3.06
N PHE A 87 -31.51 -6.29 2.44
CA PHE A 87 -31.18 -5.77 1.13
C PHE A 87 -31.34 -6.87 0.08
N HIS A 88 -32.00 -6.55 -1.03
CA HIS A 88 -32.10 -7.50 -2.11
C HIS A 88 -30.75 -7.67 -2.81
N PRO A 89 -30.50 -8.84 -3.39
CA PRO A 89 -29.23 -9.03 -4.11
C PRO A 89 -29.05 -8.07 -5.27
N GLU A 90 -30.14 -7.59 -5.85
CA GLU A 90 -30.04 -6.65 -6.96
C GLU A 90 -29.56 -5.28 -6.49
N GLN A 91 -29.83 -4.94 -5.23
CA GLN A 91 -29.42 -3.64 -4.71
C GLN A 91 -27.91 -3.52 -4.62
N LEU A 92 -27.21 -4.62 -4.37
CA LEU A 92 -25.77 -4.61 -4.16
C LEU A 92 -25.09 -5.08 -5.44
N ILE A 93 -24.14 -4.29 -5.93
CA ILE A 93 -23.41 -4.59 -7.15
C ILE A 93 -21.93 -4.73 -6.80
N THR A 94 -21.33 -5.83 -7.22
CA THR A 94 -19.94 -6.13 -6.91
C THR A 94 -19.12 -6.11 -8.19
N GLY A 95 -17.86 -5.68 -8.06
CA GLY A 95 -16.90 -5.73 -9.14
C GLY A 95 -15.94 -6.89 -8.94
N LYS A 96 -15.10 -7.10 -9.95
CA LYS A 96 -14.12 -8.17 -9.87
C LYS A 96 -12.80 -7.74 -9.25
N GLU A 97 -12.52 -6.43 -9.24
CA GLU A 97 -11.30 -5.93 -8.62
C GLU A 97 -11.43 -4.43 -8.41
N ASP A 98 -10.89 -3.94 -7.29
CA ASP A 98 -10.93 -2.53 -6.99
C ASP A 98 -10.01 -1.75 -7.94
N ALA A 99 -10.18 -0.43 -7.93
CA ALA A 99 -9.37 0.46 -8.76
C ALA A 99 -7.94 0.61 -8.27
N ALA A 100 -7.62 0.06 -7.10
CA ALA A 100 -6.27 0.14 -6.53
C ALA A 100 -5.86 1.59 -6.26
N ASN A 101 -6.78 2.36 -5.68
CA ASN A 101 -6.52 3.74 -5.28
C ASN A 101 -5.99 4.56 -6.45
N ASN A 102 -6.68 4.43 -7.58
CA ASN A 102 -6.29 5.09 -8.82
C ASN A 102 -7.54 5.68 -9.45
N TYR A 103 -7.54 6.99 -9.68
CA TYR A 103 -8.73 7.64 -10.22
C TYR A 103 -9.00 7.20 -11.65
N ALA A 104 -7.97 7.12 -12.49
CA ALA A 104 -8.18 6.74 -13.88
C ALA A 104 -8.72 5.32 -13.98
N ARG A 105 -8.25 4.43 -13.11
CA ARG A 105 -8.78 3.07 -13.09
C ARG A 105 -10.26 3.07 -12.72
N GLY A 106 -10.64 3.84 -11.70
CA GLY A 106 -12.02 3.86 -11.27
C GLY A 106 -12.93 4.68 -12.16
N HIS A 107 -12.37 5.41 -13.11
CA HIS A 107 -13.14 6.29 -13.98
C HIS A 107 -13.14 5.84 -15.44
N TYR A 108 -11.99 5.47 -15.98
CA TYR A 108 -11.85 5.22 -17.40
C TYR A 108 -11.69 3.75 -17.75
N THR A 109 -10.92 2.99 -16.97
CA THR A 109 -10.59 1.63 -17.38
C THR A 109 -11.69 0.63 -17.02
N ILE A 110 -11.99 0.48 -15.73
CA ILE A 110 -12.92 -0.55 -15.29
C ILE A 110 -14.29 0.01 -14.89
N GLY A 111 -14.43 1.32 -14.78
CA GLY A 111 -15.73 1.88 -14.43
C GLY A 111 -16.78 1.61 -15.49
N LYS A 112 -16.39 1.78 -16.77
CA LYS A 112 -17.35 1.62 -17.87
C LYS A 112 -17.82 0.19 -18.02
N GLU A 113 -17.14 -0.78 -17.42
CA GLU A 113 -17.58 -2.17 -17.50
C GLU A 113 -18.82 -2.45 -16.68
N ILE A 114 -19.08 -1.65 -15.64
CA ILE A 114 -20.24 -1.86 -14.78
C ILE A 114 -21.11 -0.62 -14.66
N ILE A 115 -20.75 0.49 -15.31
CA ILE A 115 -21.57 1.68 -15.22
C ILE A 115 -22.96 1.42 -15.80
N ASP A 116 -23.04 0.62 -16.86
CA ASP A 116 -24.34 0.34 -17.48
C ASP A 116 -25.23 -0.47 -16.53
N LEU A 117 -24.66 -1.47 -15.85
CA LEU A 117 -25.43 -2.27 -14.91
C LEU A 117 -25.89 -1.43 -13.73
N VAL A 118 -25.01 -0.58 -13.21
CA VAL A 118 -25.39 0.29 -12.11
C VAL A 118 -26.52 1.23 -12.53
N LEU A 119 -26.41 1.79 -13.74
CA LEU A 119 -27.46 2.69 -14.22
C LEU A 119 -28.78 1.95 -14.43
N ASP A 120 -28.71 0.71 -14.91
CA ASP A 120 -29.93 -0.07 -15.07
C ASP A 120 -30.62 -0.31 -13.73
N ARG A 121 -29.84 -0.67 -12.71
CA ARG A 121 -30.43 -0.89 -11.39
C ARG A 121 -31.01 0.41 -10.84
N ILE A 122 -30.29 1.52 -11.02
CA ILE A 122 -30.77 2.80 -10.52
C ILE A 122 -32.08 3.19 -11.21
N ARG A 123 -32.16 2.98 -12.53
CA ARG A 123 -33.39 3.28 -13.25
C ARG A 123 -34.53 2.38 -12.80
N LYS A 124 -34.23 1.10 -12.54
CA LYS A 124 -35.25 0.20 -12.01
C LYS A 124 -35.81 0.71 -10.70
N LEU A 125 -34.93 1.18 -9.81
CA LEU A 125 -35.39 1.71 -8.53
C LEU A 125 -36.14 3.02 -8.72
N ALA A 126 -35.72 3.84 -9.68
CA ALA A 126 -36.33 5.16 -9.85
C ALA A 126 -37.71 5.07 -10.50
N ASP A 127 -37.94 4.06 -11.35
CA ASP A 127 -39.22 3.94 -12.03
C ASP A 127 -40.35 3.68 -11.05
N GLN A 128 -40.05 3.09 -9.89
CA GLN A 128 -41.06 2.86 -8.87
C GLN A 128 -41.29 4.07 -7.97
N CYS A 129 -40.51 5.13 -8.13
CA CYS A 129 -40.64 6.33 -7.31
C CYS A 129 -41.28 7.44 -8.13
N THR A 130 -42.31 8.07 -7.55
CA THR A 130 -43.04 9.13 -8.24
C THR A 130 -42.63 10.52 -7.80
N GLY A 131 -42.00 10.66 -6.64
CA GLY A 131 -41.60 11.96 -6.14
C GLY A 131 -40.10 12.05 -5.91
N LEU A 132 -39.32 11.48 -6.82
CA LEU A 132 -37.87 11.41 -6.65
C LEU A 132 -37.24 12.79 -6.71
N GLN A 133 -36.80 13.30 -5.55
CA GLN A 133 -36.13 14.60 -5.53
C GLN A 133 -34.71 14.50 -6.07
N GLY A 134 -33.98 13.45 -5.72
CA GLY A 134 -32.60 13.35 -6.14
C GLY A 134 -31.92 12.16 -5.53
N PHE A 135 -30.59 12.25 -5.45
CA PHE A 135 -29.73 11.15 -5.02
C PHE A 135 -28.73 11.64 -3.99
N SER A 136 -28.46 10.79 -3.00
CA SER A 136 -27.42 11.04 -2.01
C SER A 136 -26.29 10.05 -2.24
N VAL A 137 -25.08 10.56 -2.42
CA VAL A 137 -23.93 9.74 -2.80
C VAL A 137 -22.93 9.74 -1.66
N PHE A 138 -22.51 8.56 -1.24
CA PHE A 138 -21.50 8.38 -0.21
C PHE A 138 -20.25 7.81 -0.86
N HIS A 139 -19.13 8.48 -0.69
CA HIS A 139 -17.91 8.03 -1.33
C HIS A 139 -16.71 8.61 -0.61
N SER A 140 -15.55 8.01 -0.87
CA SER A 140 -14.30 8.41 -0.26
C SER A 140 -13.39 9.02 -1.31
N PHE A 141 -12.79 10.16 -0.97
CA PHE A 141 -11.91 10.84 -1.91
C PHE A 141 -10.66 10.02 -2.20
N GLY A 142 -10.07 9.43 -1.18
CA GLY A 142 -8.83 8.69 -1.36
C GLY A 142 -9.00 7.47 -2.24
N GLY A 143 -10.12 6.78 -2.11
CA GLY A 143 -10.37 5.57 -2.87
C GLY A 143 -10.35 5.78 -4.37
N GLY A 144 -9.67 4.89 -5.09
CA GLY A 144 -9.69 4.96 -6.54
C GLY A 144 -11.08 4.74 -7.08
N THR A 145 -11.76 3.70 -6.59
CA THR A 145 -13.16 3.52 -6.94
C THR A 145 -14.01 4.68 -6.41
N GLY A 146 -13.82 5.03 -5.14
CA GLY A 146 -14.66 6.04 -4.49
C GLY A 146 -14.55 7.42 -5.10
N SER A 147 -13.53 7.67 -5.90
CA SER A 147 -13.42 8.94 -6.64
C SER A 147 -13.76 8.75 -8.11
N GLY A 148 -13.11 7.81 -8.78
CA GLY A 148 -13.34 7.64 -10.21
C GLY A 148 -14.77 7.24 -10.53
N PHE A 149 -15.25 6.16 -9.91
CA PHE A 149 -16.59 5.70 -10.21
C PHE A 149 -17.63 6.68 -9.69
N THR A 150 -17.33 7.37 -8.59
CA THR A 150 -18.25 8.39 -8.11
C THR A 150 -18.40 9.51 -9.13
N SER A 151 -17.28 9.95 -9.71
CA SER A 151 -17.35 10.98 -10.75
C SER A 151 -18.09 10.48 -11.99
N LEU A 152 -17.84 9.23 -12.38
CA LEU A 152 -18.54 8.68 -13.53
C LEU A 152 -20.04 8.62 -13.30
N LEU A 153 -20.46 8.15 -12.12
CA LEU A 153 -21.87 8.13 -11.77
C LEU A 153 -22.46 9.53 -11.71
N MET A 154 -21.71 10.49 -11.16
CA MET A 154 -22.21 11.85 -11.08
C MET A 154 -22.46 12.42 -12.47
N GLU A 155 -21.52 12.20 -13.39
CA GLU A 155 -21.70 12.71 -14.74
C GLU A 155 -22.87 12.03 -15.43
N ARG A 156 -23.00 10.71 -15.25
CA ARG A 156 -24.10 9.99 -15.88
C ARG A 156 -25.45 10.47 -15.34
N LEU A 157 -25.55 10.65 -14.03
CA LEU A 157 -26.79 11.15 -13.45
C LEU A 157 -27.09 12.57 -13.91
N SER A 158 -26.07 13.42 -14.00
CA SER A 158 -26.30 14.79 -14.44
C SER A 158 -26.74 14.84 -15.90
N VAL A 159 -26.15 14.02 -16.76
CA VAL A 159 -26.55 14.04 -18.16
C VAL A 159 -27.91 13.36 -18.33
N ASP A 160 -28.29 12.48 -17.40
CA ASP A 160 -29.58 11.81 -17.49
C ASP A 160 -30.66 12.54 -16.69
N TYR A 161 -30.40 12.83 -15.42
CA TYR A 161 -31.41 13.39 -14.52
C TYR A 161 -30.90 14.69 -13.90
N GLY A 162 -30.38 15.60 -14.74
CA GLY A 162 -29.72 16.79 -14.23
C GLY A 162 -30.62 17.72 -13.43
N LYS A 163 -31.93 17.57 -13.53
CA LYS A 163 -32.86 18.41 -12.80
C LYS A 163 -33.03 17.97 -11.35
N LYS A 164 -32.43 16.86 -10.95
CA LYS A 164 -32.56 16.35 -9.60
C LYS A 164 -31.42 16.85 -8.72
N SER A 165 -31.74 17.12 -7.45
CA SER A 165 -30.74 17.57 -6.49
C SER A 165 -29.85 16.39 -6.11
N LYS A 166 -28.58 16.45 -6.50
CA LYS A 166 -27.65 15.37 -6.26
C LYS A 166 -26.74 15.74 -5.10
N LEU A 167 -27.25 15.55 -3.88
CA LEU A 167 -26.45 15.76 -2.69
C LEU A 167 -25.36 14.70 -2.60
N GLU A 168 -24.27 15.02 -1.91
CA GLU A 168 -23.13 14.13 -1.86
C GLU A 168 -22.47 14.19 -0.49
N PHE A 169 -21.83 13.09 -0.12
CA PHE A 169 -21.00 13.00 1.08
C PHE A 169 -19.63 12.48 0.70
N SER A 170 -18.59 13.10 1.24
CA SER A 170 -17.22 12.75 0.88
C SER A 170 -16.38 12.53 2.13
N ILE A 171 -15.31 11.76 1.96
CA ILE A 171 -14.40 11.40 3.04
C ILE A 171 -13.04 12.00 2.73
N TYR A 172 -12.65 13.00 3.51
CA TYR A 172 -11.34 13.61 3.37
C TYR A 172 -10.26 12.66 3.87
N PRO A 173 -9.12 12.58 3.19
CA PRO A 173 -8.03 11.70 3.65
C PRO A 173 -7.38 12.23 4.93
N ALA A 174 -6.53 11.38 5.51
CA ALA A 174 -5.82 11.73 6.73
C ALA A 174 -4.50 10.97 6.81
N PRO A 175 -3.38 11.66 7.06
CA PRO A 175 -2.07 10.99 6.96
C PRO A 175 -1.91 9.79 7.88
N GLN A 176 -2.48 9.84 9.08
CA GLN A 176 -2.30 8.73 10.03
C GLN A 176 -2.93 7.45 9.51
N VAL A 177 -4.11 7.55 8.90
CA VAL A 177 -4.82 6.37 8.41
C VAL A 177 -5.02 6.51 6.91
N SER A 178 -4.08 7.18 6.25
CA SER A 178 -4.16 7.35 4.80
C SER A 178 -4.09 6.00 4.10
N THR A 179 -4.99 5.78 3.15
CA THR A 179 -4.99 4.53 2.40
C THR A 179 -3.84 4.49 1.40
N ALA A 180 -3.43 5.64 0.87
CA ALA A 180 -2.46 5.67 -0.22
C ALA A 180 -1.67 6.98 -0.16
N VAL A 181 -0.60 7.01 -0.94
CA VAL A 181 0.17 8.24 -1.08
C VAL A 181 -0.47 9.19 -2.08
N VAL A 182 -1.26 8.68 -3.01
CA VAL A 182 -1.76 9.46 -4.14
C VAL A 182 -3.14 10.03 -3.84
N GLU A 183 -3.52 10.12 -2.57
CA GLU A 183 -4.83 10.68 -2.23
C GLU A 183 -5.05 12.11 -2.72
N PRO A 184 -4.08 13.03 -2.63
CA PRO A 184 -4.34 14.37 -3.19
C PRO A 184 -4.66 14.35 -4.68
N TYR A 185 -3.96 13.50 -5.44
CA TYR A 185 -4.19 13.43 -6.88
C TYR A 185 -5.65 13.14 -7.19
N ASN A 186 -6.12 11.96 -6.78
CA ASN A 186 -7.48 11.59 -7.12
C ASN A 186 -8.50 12.46 -6.40
N SER A 187 -8.15 13.04 -5.25
CA SER A 187 -9.05 13.97 -4.59
C SER A 187 -9.35 15.18 -5.48
N ILE A 188 -8.31 15.83 -5.98
CA ILE A 188 -8.53 16.97 -6.87
C ILE A 188 -9.14 16.53 -8.18
N LEU A 189 -8.78 15.34 -8.66
CA LEU A 189 -9.36 14.87 -9.91
C LEU A 189 -10.88 14.75 -9.81
N THR A 190 -11.38 14.12 -8.74
CA THR A 190 -12.83 13.99 -8.61
C THR A 190 -13.46 15.34 -8.27
N THR A 191 -12.77 16.21 -7.53
CA THR A 191 -13.34 17.51 -7.23
C THR A 191 -13.54 18.32 -8.51
N HIS A 192 -12.55 18.28 -9.42
CA HIS A 192 -12.72 18.97 -10.69
C HIS A 192 -13.81 18.33 -11.54
N THR A 193 -13.82 17.00 -11.62
CA THR A 193 -14.78 16.36 -12.50
C THR A 193 -16.19 16.30 -11.94
N THR A 194 -16.38 16.71 -10.69
CA THR A 194 -17.71 16.69 -10.08
C THR A 194 -18.16 18.05 -9.57
N LEU A 195 -17.36 19.10 -9.75
CA LEU A 195 -17.70 20.40 -9.18
C LEU A 195 -19.00 20.93 -9.77
N GLU A 196 -19.14 20.87 -11.10
CA GLU A 196 -20.34 21.40 -11.75
C GLU A 196 -21.52 20.46 -11.59
N HIS A 197 -21.26 19.14 -11.67
CA HIS A 197 -22.34 18.16 -11.68
C HIS A 197 -22.96 17.94 -10.31
N SER A 198 -22.18 18.06 -9.24
CA SER A 198 -22.73 17.87 -7.91
C SER A 198 -23.59 19.07 -7.51
N ASP A 199 -24.35 18.89 -6.44
CA ASP A 199 -25.23 19.94 -5.92
C ASP A 199 -24.70 20.52 -4.62
N CYS A 200 -24.40 19.67 -3.64
CA CYS A 200 -23.87 20.13 -2.36
C CYS A 200 -23.13 18.97 -1.71
N ALA A 201 -21.87 19.20 -1.36
CA ALA A 201 -21.02 18.15 -0.82
C ALA A 201 -20.74 18.39 0.65
N PHE A 202 -20.80 17.33 1.43
CA PHE A 202 -20.53 17.34 2.86
C PHE A 202 -19.24 16.54 3.09
N MET A 203 -18.11 17.22 3.03
CA MET A 203 -16.84 16.52 3.25
C MET A 203 -16.72 16.12 4.71
N VAL A 204 -16.20 14.92 4.94
CA VAL A 204 -15.96 14.39 6.28
C VAL A 204 -14.46 14.34 6.47
N ASP A 205 -13.96 15.06 7.47
CA ASP A 205 -12.53 15.21 7.70
C ASP A 205 -12.06 14.06 8.59
N ASN A 206 -11.33 13.12 8.00
CA ASN A 206 -10.84 11.98 8.78
C ASN A 206 -9.87 12.43 9.87
N GLU A 207 -9.05 13.45 9.61
CA GLU A 207 -8.22 14.00 10.66
C GLU A 207 -9.08 14.51 11.82
N ALA A 208 -10.12 15.27 11.51
CA ALA A 208 -10.96 15.85 12.55
C ALA A 208 -11.75 14.78 13.30
N ILE A 209 -12.33 13.82 12.56
CA ILE A 209 -13.09 12.76 13.22
C ILE A 209 -12.17 11.93 14.10
N TYR A 210 -10.97 11.62 13.61
CA TYR A 210 -9.99 10.89 14.40
C TYR A 210 -9.63 11.65 15.67
N ASP A 211 -9.41 12.96 15.56
CA ASP A 211 -9.06 13.75 16.72
C ASP A 211 -10.19 13.77 17.75
N ILE A 212 -11.43 13.97 17.30
CA ILE A 212 -12.53 14.10 18.26
C ILE A 212 -12.81 12.76 18.92
N CYS A 213 -12.76 11.66 18.15
CA CYS A 213 -13.05 10.36 18.74
C CYS A 213 -11.83 9.77 19.44
N ARG A 214 -10.67 10.42 19.34
CA ARG A 214 -9.56 10.07 20.22
C ARG A 214 -9.66 10.84 21.52
N ARG A 215 -10.03 12.12 21.47
CA ARG A 215 -10.04 12.95 22.66
C ARG A 215 -11.28 12.69 23.51
N ASN A 216 -12.47 12.95 22.95
CA ASN A 216 -13.69 12.88 23.73
C ASN A 216 -14.15 11.46 23.99
N LEU A 217 -13.87 10.54 23.08
CA LEU A 217 -14.41 9.19 23.15
C LEU A 217 -13.55 8.26 24.00
N ASP A 218 -12.42 8.74 24.53
CA ASP A 218 -11.55 7.96 25.41
C ASP A 218 -11.07 6.67 24.72
N ILE A 219 -10.69 6.78 23.45
CA ILE A 219 -10.08 5.67 22.72
C ILE A 219 -8.74 6.16 22.19
N GLU A 220 -7.68 5.43 22.52
CA GLU A 220 -6.34 5.84 22.11
C GLU A 220 -6.06 5.53 20.64
N ARG A 221 -6.59 4.42 20.12
CA ARG A 221 -6.38 4.02 18.73
C ARG A 221 -7.71 3.61 18.12
N PRO A 222 -8.47 4.58 17.60
CA PRO A 222 -9.76 4.24 16.99
C PRO A 222 -9.55 3.56 15.64
N THR A 223 -10.14 2.37 15.51
CA THR A 223 -10.12 1.65 14.25
C THR A 223 -11.17 2.24 13.32
N TYR A 224 -11.33 1.66 12.13
CA TYR A 224 -12.36 2.13 11.21
C TYR A 224 -13.75 2.04 11.81
N THR A 225 -14.01 1.04 12.65
CA THR A 225 -15.37 0.81 13.12
C THR A 225 -15.94 2.04 13.81
N ASN A 226 -15.19 2.59 14.77
CA ASN A 226 -15.66 3.78 15.47
C ASN A 226 -15.76 4.99 14.55
N LEU A 227 -14.83 5.11 13.60
CA LEU A 227 -14.86 6.24 12.67
C LEU A 227 -16.13 6.22 11.82
N ASN A 228 -16.41 5.08 11.18
CA ASN A 228 -17.64 4.98 10.39
C ASN A 228 -18.88 5.03 11.27
N ARG A 229 -18.78 4.61 12.53
CA ARG A 229 -19.90 4.76 13.44
C ARG A 229 -20.25 6.23 13.63
N LEU A 230 -19.25 7.05 13.93
CA LEU A 230 -19.49 8.47 14.13
C LEU A 230 -19.93 9.15 12.84
N ILE A 231 -19.36 8.73 11.70
CA ILE A 231 -19.76 9.30 10.42
C ILE A 231 -21.22 8.98 10.14
N GLY A 232 -21.64 7.74 10.41
CA GLY A 232 -23.04 7.40 10.26
C GLY A 232 -23.93 8.21 11.19
N GLN A 233 -23.45 8.46 12.40
CA GLN A 233 -24.20 9.28 13.34
C GLN A 233 -24.43 10.69 12.78
N ILE A 234 -23.38 11.32 12.27
CA ILE A 234 -23.54 12.68 11.76
C ILE A 234 -24.37 12.68 10.48
N VAL A 235 -24.23 11.64 9.65
CA VAL A 235 -25.02 11.55 8.42
C VAL A 235 -26.50 11.47 8.75
N SER A 236 -26.85 10.63 9.72
CA SER A 236 -28.25 10.54 10.14
C SER A 236 -28.70 11.84 10.80
N SER A 237 -27.81 12.52 11.51
CA SER A 237 -28.16 13.81 12.08
C SER A 237 -28.54 14.81 10.98
N ILE A 238 -27.79 14.79 9.88
CA ILE A 238 -28.12 15.66 8.75
C ILE A 238 -29.45 15.26 8.14
N THR A 239 -29.63 13.97 7.88
CA THR A 239 -30.77 13.49 7.11
C THR A 239 -32.05 13.39 7.93
N ALA A 240 -31.97 13.60 9.25
CA ALA A 240 -33.18 13.58 10.07
C ALA A 240 -34.19 14.62 9.62
N SER A 241 -33.72 15.72 9.04
CA SER A 241 -34.65 16.71 8.51
C SER A 241 -35.50 16.14 7.39
N LEU A 242 -34.98 15.13 6.68
CA LEU A 242 -35.71 14.49 5.59
C LEU A 242 -36.50 13.28 6.05
N ARG A 243 -35.96 12.51 7.00
CA ARG A 243 -36.62 11.28 7.41
C ARG A 243 -37.84 11.51 8.30
N PHE A 244 -38.07 12.73 8.77
CA PHE A 244 -39.23 13.03 9.59
C PHE A 244 -39.85 14.34 9.12
N ASP A 245 -41.09 14.56 9.53
CA ASP A 245 -41.73 15.85 9.32
C ASP A 245 -41.01 16.93 10.12
N GLY A 246 -40.71 18.04 9.46
CA GLY A 246 -39.97 19.10 10.12
C GLY A 246 -40.31 20.48 9.61
N ALA A 247 -39.56 21.49 10.07
CA ALA A 247 -39.77 22.87 9.66
C ALA A 247 -38.68 23.40 8.75
N LEU A 248 -37.48 22.83 8.79
CA LEU A 248 -36.37 23.28 7.96
C LEU A 248 -35.74 22.10 7.26
N ASN A 249 -35.28 22.33 6.03
CA ASN A 249 -34.61 21.31 5.22
C ASN A 249 -35.51 20.08 5.03
N VAL A 250 -36.80 20.33 4.79
CA VAL A 250 -37.74 19.24 4.59
C VAL A 250 -37.43 18.48 3.30
N ASP A 251 -37.07 19.18 2.24
CA ASP A 251 -36.79 18.57 0.94
C ASP A 251 -35.32 18.75 0.60
N LEU A 252 -34.87 17.95 -0.38
CA LEU A 252 -33.46 17.97 -0.76
C LEU A 252 -33.09 19.27 -1.47
N THR A 253 -34.03 19.87 -2.20
CA THR A 253 -33.74 21.14 -2.86
C THR A 253 -33.51 22.26 -1.85
N GLU A 254 -34.09 22.15 -0.66
CA GLU A 254 -33.91 23.18 0.35
C GLU A 254 -32.46 23.28 0.81
N PHE A 255 -31.74 22.16 0.80
CA PHE A 255 -30.32 22.20 1.17
C PHE A 255 -29.54 23.15 0.27
N GLN A 256 -29.69 22.97 -1.05
CA GLN A 256 -29.00 23.86 -1.98
C GLN A 256 -29.60 25.25 -1.97
N THR A 257 -30.89 25.38 -1.66
CA THR A 257 -31.51 26.69 -1.59
C THR A 257 -30.91 27.52 -0.46
N ASN A 258 -30.62 26.89 0.67
CA ASN A 258 -30.14 27.62 1.84
C ASN A 258 -28.62 27.72 1.89
N LEU A 259 -27.90 26.67 1.47
CA LEU A 259 -26.46 26.61 1.71
C LEU A 259 -25.62 26.88 0.46
N VAL A 260 -26.21 26.81 -0.73
CA VAL A 260 -25.46 27.01 -1.96
C VAL A 260 -26.15 28.08 -2.80
N PRO A 261 -26.02 29.36 -2.44
CA PRO A 261 -26.62 30.41 -3.28
C PRO A 261 -26.05 30.47 -4.68
N TYR A 262 -24.77 30.15 -4.84
CA TYR A 262 -24.08 30.19 -6.11
C TYR A 262 -23.23 28.93 -6.26
N PRO A 263 -22.97 28.49 -7.48
CA PRO A 263 -22.18 27.27 -7.67
C PRO A 263 -20.75 27.43 -7.17
N ARG A 264 -20.10 26.29 -6.97
CA ARG A 264 -18.73 26.16 -6.48
C ARG A 264 -18.57 26.57 -5.02
N GLY A 265 -19.63 27.03 -4.37
CA GLY A 265 -19.57 27.28 -2.95
C GLY A 265 -20.38 26.25 -2.18
N HIS A 266 -20.36 25.01 -2.67
CA HIS A 266 -21.26 23.97 -2.18
C HIS A 266 -20.55 23.01 -1.23
N PHE A 267 -19.69 23.51 -0.36
CA PHE A 267 -19.00 22.68 0.63
C PHE A 267 -19.25 23.26 2.02
N PRO A 268 -20.45 23.07 2.55
CA PRO A 268 -20.77 23.63 3.86
C PRO A 268 -20.10 22.87 4.99
N LEU A 269 -19.99 23.53 6.12
CA LEU A 269 -19.36 22.96 7.30
C LEU A 269 -20.41 22.27 8.15
N ALA A 270 -20.08 21.08 8.65
CA ALA A 270 -20.95 20.32 9.52
C ALA A 270 -20.33 20.26 10.91
N THR A 271 -21.18 20.25 11.93
CA THR A 271 -20.72 20.12 13.30
C THR A 271 -21.77 19.38 14.11
N TYR A 272 -21.31 18.45 14.94
CA TYR A 272 -22.20 17.66 15.78
C TYR A 272 -21.79 17.81 17.24
N ALA A 273 -22.77 18.04 18.12
CA ALA A 273 -22.51 18.18 19.54
C ALA A 273 -23.81 17.92 20.28
N PRO A 274 -23.75 17.38 21.50
CA PRO A 274 -22.56 16.93 22.22
C PRO A 274 -22.22 15.48 21.88
N VAL A 275 -20.97 15.08 22.07
CA VAL A 275 -20.55 13.69 21.94
C VAL A 275 -19.85 13.29 23.23
N ILE A 276 -20.35 12.23 23.88
CA ILE A 276 -19.83 11.78 25.15
C ILE A 276 -19.55 10.29 25.05
N SER A 277 -18.43 9.85 25.63
CA SER A 277 -18.06 8.45 25.58
C SER A 277 -18.99 7.62 26.46
N ALA A 278 -19.09 6.33 26.12
CA ALA A 278 -19.91 5.42 26.89
C ALA A 278 -19.36 5.20 28.29
N GLU A 279 -18.03 5.25 28.44
CA GLU A 279 -17.42 5.09 29.75
C GLU A 279 -17.79 6.21 30.71
N LYS A 280 -18.17 7.38 30.18
CA LYS A 280 -18.62 8.52 30.96
C LYS A 280 -20.04 8.91 30.58
N ALA A 281 -20.87 7.89 30.31
CA ALA A 281 -22.23 8.14 29.83
C ALA A 281 -23.10 8.78 30.90
N TYR A 282 -22.76 8.61 32.17
CA TYR A 282 -23.58 9.10 33.27
C TYR A 282 -23.30 10.56 33.62
N HIS A 283 -22.72 11.33 32.70
CA HIS A 283 -22.46 12.73 32.94
C HIS A 283 -23.74 13.56 32.77
N GLU A 284 -23.71 14.77 33.30
CA GLU A 284 -24.85 15.66 33.20
C GLU A 284 -25.10 16.07 31.75
N GLN A 285 -26.36 16.05 31.34
CA GLN A 285 -26.72 16.47 29.99
C GLN A 285 -26.54 17.97 29.86
N LEU A 286 -25.85 18.39 28.80
CA LEU A 286 -25.59 19.81 28.57
C LEU A 286 -26.84 20.51 28.09
N SER A 287 -27.08 21.71 28.59
CA SER A 287 -28.25 22.48 28.17
C SER A 287 -28.03 23.02 26.76
N VAL A 288 -29.05 23.70 26.24
CA VAL A 288 -29.02 24.17 24.85
C VAL A 288 -27.89 25.18 24.65
N ALA A 289 -27.71 26.09 25.60
CA ALA A 289 -26.63 27.07 25.47
C ALA A 289 -25.28 26.38 25.48
N GLU A 290 -25.10 25.39 26.36
CA GLU A 290 -23.84 24.68 26.44
C GLU A 290 -23.53 23.93 25.14
N ILE A 291 -24.53 23.25 24.57
CA ILE A 291 -24.26 22.48 23.36
C ILE A 291 -24.04 23.41 22.17
N THR A 292 -24.73 24.56 22.13
CA THR A 292 -24.47 25.52 21.07
C THR A 292 -23.06 26.08 21.16
N ASN A 293 -22.63 26.44 22.37
CA ASN A 293 -21.26 26.92 22.53
C ASN A 293 -20.26 25.83 22.17
N ALA A 294 -20.61 24.56 22.46
CA ALA A 294 -19.73 23.47 22.12
C ALA A 294 -19.60 23.30 20.61
N CYS A 295 -20.72 23.29 19.89
CA CYS A 295 -20.65 23.08 18.45
C CYS A 295 -20.00 24.27 17.76
N PHE A 296 -20.13 25.46 18.33
CA PHE A 296 -19.38 26.59 17.78
C PHE A 296 -17.90 26.49 18.08
N GLU A 297 -17.51 25.75 19.11
CA GLU A 297 -16.09 25.56 19.40
C GLU A 297 -15.46 24.63 18.36
N PRO A 298 -14.20 24.87 18.00
CA PRO A 298 -13.54 23.98 17.02
C PRO A 298 -13.29 22.58 17.53
N ALA A 299 -13.39 22.35 18.84
CA ALA A 299 -13.11 21.01 19.38
C ALA A 299 -14.09 19.99 18.84
N ASN A 300 -15.37 20.32 18.81
CA ASN A 300 -16.40 19.42 18.33
C ASN A 300 -16.69 19.56 16.85
N GLN A 301 -16.04 20.50 16.17
CA GLN A 301 -16.19 20.59 14.72
C GLN A 301 -15.53 19.39 14.05
N MET A 302 -16.14 18.93 12.96
CA MET A 302 -15.73 17.69 12.31
C MET A 302 -15.01 17.93 10.98
N VAL A 303 -14.59 19.15 10.69
CA VAL A 303 -13.68 19.44 9.60
C VAL A 303 -12.60 20.38 10.12
N LYS A 304 -11.34 20.07 9.84
CA LYS A 304 -10.24 20.86 10.39
C LYS A 304 -10.13 22.22 9.71
N CYS A 305 -10.77 23.23 10.30
CA CYS A 305 -10.73 24.59 9.82
C CYS A 305 -11.02 25.51 10.99
N ASP A 306 -10.70 26.79 10.81
CA ASP A 306 -10.94 27.80 11.85
C ASP A 306 -11.97 28.81 11.35
N PRO A 307 -13.24 28.68 11.73
CA PRO A 307 -14.26 29.61 11.22
C PRO A 307 -14.01 31.06 11.62
N ARG A 308 -13.34 31.30 12.75
CA ARG A 308 -13.06 32.67 13.16
C ARG A 308 -12.16 33.37 12.14
N HIS A 309 -11.23 32.64 11.54
CA HIS A 309 -10.40 33.20 10.49
C HIS A 309 -11.18 33.42 9.20
N GLY A 310 -12.33 32.76 9.05
CA GLY A 310 -13.12 32.84 7.84
C GLY A 310 -14.30 33.80 7.97
N LYS A 311 -15.22 33.68 7.01
CA LYS A 311 -16.40 34.53 6.94
C LYS A 311 -17.60 33.65 6.67
N TYR A 312 -18.59 33.69 7.57
CA TYR A 312 -19.78 32.88 7.40
C TYR A 312 -20.60 33.35 6.22
N MET A 313 -21.15 32.41 5.46
CA MET A 313 -22.01 32.70 4.33
C MET A 313 -23.48 32.49 4.68
N ALA A 314 -23.82 31.31 5.20
CA ALA A 314 -25.19 31.00 5.59
C ALA A 314 -25.15 29.86 6.61
N CYS A 315 -25.92 30.00 7.68
CA CYS A 315 -25.96 29.04 8.77
C CYS A 315 -27.38 28.56 9.00
N CYS A 316 -27.52 27.26 9.26
CA CYS A 316 -28.81 26.68 9.61
C CYS A 316 -28.61 25.72 10.77
N LEU A 317 -29.55 25.72 11.71
CA LEU A 317 -29.47 24.93 12.93
C LEU A 317 -30.51 23.83 12.88
N LEU A 318 -30.09 22.60 13.11
CA LEU A 318 -30.98 21.45 13.22
C LEU A 318 -30.95 20.93 14.65
N TYR A 319 -32.12 20.67 15.21
CA TYR A 319 -32.26 20.27 16.60
C TYR A 319 -32.97 18.93 16.70
N ARG A 320 -32.43 18.06 17.55
CA ARG A 320 -33.03 16.76 17.83
C ARG A 320 -33.22 16.62 19.33
N GLY A 321 -34.42 16.23 19.74
CA GLY A 321 -34.77 16.15 21.15
C GLY A 321 -35.63 17.33 21.57
N ASP A 322 -35.99 17.31 22.84
CA ASP A 322 -36.85 18.34 23.43
C ASP A 322 -36.03 19.61 23.64
N VAL A 323 -36.19 20.56 22.72
CA VAL A 323 -35.43 21.81 22.75
C VAL A 323 -36.42 22.97 22.76
N VAL A 324 -36.23 23.90 23.69
CA VAL A 324 -37.13 25.03 23.85
C VAL A 324 -36.73 26.12 22.86
N PRO A 325 -37.65 26.60 22.01
CA PRO A 325 -37.27 27.64 21.04
C PRO A 325 -36.76 28.92 21.68
N LYS A 326 -37.34 29.36 22.80
CA LYS A 326 -36.87 30.59 23.43
C LYS A 326 -35.43 30.46 23.88
N ASP A 327 -35.07 29.28 24.41
CA ASP A 327 -33.69 29.02 24.75
C ASP A 327 -32.81 29.02 23.51
N VAL A 328 -33.35 28.57 22.38
CA VAL A 328 -32.60 28.60 21.12
C VAL A 328 -32.27 30.03 20.74
N ASN A 329 -33.27 30.92 20.82
CA ASN A 329 -33.00 32.32 20.50
C ASN A 329 -32.02 32.94 21.48
N ALA A 330 -32.13 32.59 22.76
CA ALA A 330 -31.18 33.10 23.74
C ALA A 330 -29.76 32.67 23.41
N ALA A 331 -29.58 31.39 23.06
CA ALA A 331 -28.26 30.89 22.71
C ALA A 331 -27.73 31.57 21.45
N ILE A 332 -28.59 31.75 20.44
CA ILE A 332 -28.15 32.40 19.21
C ILE A 332 -27.72 33.83 19.48
N ALA A 333 -28.50 34.56 20.28
CA ALA A 333 -28.15 35.94 20.61
C ALA A 333 -26.83 35.99 21.38
N THR A 334 -26.64 35.06 22.33
CA THR A 334 -25.40 35.03 23.08
C THR A 334 -24.21 34.78 22.17
N ILE A 335 -24.33 33.81 21.27
CA ILE A 335 -23.22 33.49 20.36
C ILE A 335 -22.93 34.67 19.46
N LYS A 336 -23.96 35.32 18.92
CA LYS A 336 -23.74 36.46 18.05
C LYS A 336 -23.07 37.61 18.79
N THR A 337 -23.50 37.87 20.03
CA THR A 337 -22.95 38.99 20.77
C THR A 337 -21.50 38.74 21.17
N LYS A 338 -21.21 37.57 21.76
CA LYS A 338 -19.83 37.30 22.18
C LYS A 338 -18.96 36.90 21.00
N ARG A 339 -19.27 35.78 20.36
CA ARG A 339 -18.47 35.31 19.24
C ARG A 339 -18.68 36.23 18.04
N THR A 340 -17.58 36.70 17.46
CA THR A 340 -17.66 37.62 16.33
C THR A 340 -18.06 36.83 15.09
N ILE A 341 -19.35 36.86 14.77
CA ILE A 341 -19.88 36.20 13.58
C ILE A 341 -20.01 37.23 12.47
N GLN A 342 -19.34 37.00 11.36
CA GLN A 342 -19.29 37.94 10.25
C GLN A 342 -20.03 37.35 9.05
N PHE A 343 -20.82 38.19 8.38
CA PHE A 343 -21.60 37.80 7.22
C PHE A 343 -21.33 38.74 6.07
N VAL A 344 -21.40 38.21 4.86
CA VAL A 344 -21.15 39.04 3.67
C VAL A 344 -22.29 40.03 3.50
N ASP A 345 -21.95 41.21 2.95
CA ASP A 345 -22.94 42.27 2.77
C ASP A 345 -23.95 41.87 1.71
N TRP A 346 -23.48 41.39 0.56
CA TRP A 346 -24.36 41.15 -0.58
C TRP A 346 -25.38 40.05 -0.31
N CYS A 347 -25.11 39.16 0.64
CA CYS A 347 -26.03 38.08 0.98
C CYS A 347 -26.53 38.28 2.41
N PRO A 348 -27.74 38.82 2.60
CA PRO A 348 -28.24 39.10 3.95
C PRO A 348 -28.82 37.88 4.65
N THR A 349 -28.54 36.69 4.14
CA THR A 349 -29.09 35.48 4.74
C THR A 349 -28.63 35.33 6.18
N GLY A 350 -29.58 35.01 7.07
CA GLY A 350 -29.33 34.89 8.49
C GLY A 350 -29.22 33.45 8.94
N PHE A 351 -29.61 33.21 10.20
CA PHE A 351 -29.55 31.90 10.81
C PHE A 351 -30.93 31.26 10.78
N LYS A 352 -30.99 30.00 10.39
CA LYS A 352 -32.25 29.28 10.27
C LYS A 352 -32.27 28.13 11.28
N VAL A 353 -33.37 28.01 12.01
CA VAL A 353 -33.51 27.01 13.06
C VAL A 353 -34.64 26.06 12.68
N GLY A 354 -34.34 24.77 12.63
CA GLY A 354 -35.34 23.75 12.44
C GLY A 354 -35.25 22.71 13.54
N ILE A 355 -36.29 22.61 14.37
CA ILE A 355 -36.27 21.75 15.55
C ILE A 355 -37.09 20.50 15.27
N ASN A 356 -36.48 19.34 15.46
CA ASN A 356 -37.15 18.06 15.36
C ASN A 356 -37.17 17.43 16.74
N TYR A 357 -38.34 16.98 17.18
CA TYR A 357 -38.52 16.56 18.56
C TYR A 357 -38.11 15.11 18.81
N GLU A 358 -37.73 14.37 17.79
CA GLU A 358 -37.33 12.98 17.99
C GLU A 358 -35.94 12.93 18.61
N PRO A 359 -35.77 12.30 19.78
CA PRO A 359 -34.44 12.22 20.37
C PRO A 359 -33.53 11.32 19.55
N PRO A 360 -32.22 11.54 19.59
CA PRO A 360 -31.31 10.73 18.79
C PRO A 360 -30.89 9.44 19.48
N THR A 361 -30.90 8.36 18.72
CA THR A 361 -30.53 7.04 19.21
C THR A 361 -29.07 6.74 18.91
N VAL A 362 -28.57 5.67 19.52
CA VAL A 362 -27.19 5.25 19.36
C VAL A 362 -27.17 3.76 19.01
N VAL A 363 -26.05 3.35 18.42
CA VAL A 363 -25.85 1.94 18.06
C VAL A 363 -25.74 1.11 19.33
N PRO A 364 -26.18 -0.15 19.34
CA PRO A 364 -26.10 -0.94 20.58
C PRO A 364 -24.65 -1.31 20.91
N GLY A 365 -24.24 -1.01 22.13
CA GLY A 365 -22.90 -1.33 22.56
C GLY A 365 -21.82 -0.41 22.06
N GLY A 366 -22.18 0.67 21.38
CA GLY A 366 -21.19 1.60 20.88
C GLY A 366 -20.64 2.49 21.97
N ASP A 367 -19.66 3.31 21.58
CA ASP A 367 -18.98 4.19 22.51
C ASP A 367 -19.73 5.50 22.75
N LEU A 368 -20.73 5.80 21.94
CA LEU A 368 -21.45 7.07 22.04
C LEU A 368 -22.58 6.96 23.05
N ALA A 369 -22.62 7.90 23.99
CA ALA A 369 -23.64 7.88 25.04
C ALA A 369 -24.95 8.43 24.52
N LYS A 370 -26.04 7.92 25.09
CA LYS A 370 -27.37 8.41 24.75
C LYS A 370 -27.54 9.84 25.25
N VAL A 371 -28.02 10.72 24.38
CA VAL A 371 -28.18 12.13 24.68
C VAL A 371 -29.60 12.54 24.37
N GLN A 372 -30.24 13.26 25.30
CA GLN A 372 -31.62 13.69 25.11
C GLN A 372 -31.75 14.94 24.24
N ARG A 373 -30.72 15.79 24.19
CA ARG A 373 -30.76 17.00 23.38
C ARG A 373 -29.43 17.17 22.66
N ALA A 374 -29.46 17.11 21.34
CA ALA A 374 -28.27 17.30 20.52
C ALA A 374 -28.57 18.31 19.42
N VAL A 375 -27.53 19.03 19.00
CA VAL A 375 -27.65 20.09 18.01
C VAL A 375 -26.64 19.84 16.90
N CYS A 376 -27.08 19.94 15.66
CA CYS A 376 -26.22 19.85 14.50
C CYS A 376 -26.29 21.17 13.74
N MET A 377 -25.18 21.90 13.69
CA MET A 377 -25.14 23.19 13.04
C MET A 377 -24.44 23.07 11.69
N LEU A 378 -25.15 23.46 10.62
CA LEU A 378 -24.59 23.48 9.29
C LEU A 378 -24.42 24.93 8.86
N SER A 379 -23.19 25.30 8.53
CA SER A 379 -22.88 26.65 8.08
C SER A 379 -21.88 26.59 6.94
N ASN A 380 -21.91 27.63 6.11
CA ASN A 380 -20.95 27.79 5.02
C ASN A 380 -20.05 28.97 5.32
N THR A 381 -18.74 28.74 5.26
CA THR A 381 -17.77 29.79 5.51
C THR A 381 -16.58 29.62 4.59
N THR A 382 -15.91 30.72 4.30
CA THR A 382 -14.70 30.67 3.50
C THR A 382 -13.53 30.04 4.24
N ALA A 383 -13.68 29.80 5.54
CA ALA A 383 -12.62 29.14 6.29
C ALA A 383 -12.38 27.72 5.79
N ILE A 384 -13.37 27.12 5.14
CA ILE A 384 -13.20 25.78 4.58
C ILE A 384 -12.10 25.75 3.54
N ALA A 385 -11.72 26.92 3.01
CA ALA A 385 -10.63 26.99 2.04
C ALA A 385 -9.29 26.56 2.66
N GLU A 386 -9.22 26.48 3.99
CA GLU A 386 -8.02 25.92 4.61
C GLU A 386 -7.83 24.46 4.25
N ALA A 387 -8.93 23.72 4.09
CA ALA A 387 -8.82 22.33 3.63
C ALA A 387 -8.27 22.27 2.22
N TRP A 388 -8.74 23.15 1.33
CA TRP A 388 -8.18 23.20 -0.01
C TRP A 388 -6.73 23.67 0.01
N ALA A 389 -6.36 24.51 0.96
CA ALA A 389 -4.95 24.90 1.10
C ALA A 389 -4.11 23.73 1.59
N ARG A 390 -4.68 22.87 2.42
CA ARG A 390 -3.99 21.62 2.78
C ARG A 390 -3.81 20.73 1.56
N LEU A 391 -4.83 20.65 0.71
CA LEU A 391 -4.78 19.74 -0.44
C LEU A 391 -3.86 20.26 -1.54
N ASP A 392 -3.92 21.56 -1.84
CA ASP A 392 -3.25 22.05 -3.04
C ASP A 392 -1.74 22.03 -2.89
N HIS A 393 -1.21 22.36 -1.72
CA HIS A 393 0.23 22.30 -1.54
C HIS A 393 0.71 20.84 -1.52
N LYS A 394 -0.09 19.96 -0.91
CA LYS A 394 0.24 18.54 -0.93
C LYS A 394 0.27 18.01 -2.36
N PHE A 395 -0.60 18.55 -3.21
CA PHE A 395 -0.60 18.17 -4.61
C PHE A 395 0.61 18.72 -5.35
N ASP A 396 0.91 20.01 -5.14
CA ASP A 396 1.99 20.65 -5.87
C ASP A 396 3.35 20.09 -5.49
N LEU A 397 3.53 19.70 -4.23
CA LEU A 397 4.82 19.16 -3.79
C LEU A 397 5.26 17.98 -4.64
N MET A 398 4.30 17.16 -5.11
CA MET A 398 4.62 16.06 -6.01
C MET A 398 4.46 16.41 -7.47
N TYR A 399 3.49 17.26 -7.82
CA TYR A 399 3.29 17.60 -9.23
C TYR A 399 4.47 18.36 -9.80
N ALA A 400 5.15 19.17 -9.00
CA ALA A 400 6.30 19.90 -9.52
C ALA A 400 7.37 18.96 -10.03
N LYS A 401 7.60 17.87 -9.30
CA LYS A 401 8.52 16.82 -9.73
C LYS A 401 7.80 15.70 -10.47
N ARG A 402 6.48 15.80 -10.63
CA ARG A 402 5.68 14.94 -11.49
C ARG A 402 5.81 13.47 -11.08
N ALA A 403 5.37 13.21 -9.85
CA ALA A 403 5.45 11.90 -9.24
C ALA A 403 4.13 11.16 -9.36
N PHE A 404 4.21 9.83 -9.40
CA PHE A 404 3.07 8.92 -9.43
C PHE A 404 2.15 9.15 -10.63
N VAL A 405 2.60 9.90 -11.64
CA VAL A 405 1.70 10.22 -12.74
C VAL A 405 1.74 9.18 -13.84
N HIS A 406 2.72 8.27 -13.82
CA HIS A 406 2.79 7.30 -14.91
C HIS A 406 1.62 6.33 -14.86
N TRP A 407 1.15 5.96 -13.67
CA TRP A 407 -0.03 5.11 -13.57
C TRP A 407 -1.24 5.77 -14.22
N TYR A 408 -1.51 7.02 -13.83
CA TYR A 408 -2.67 7.73 -14.35
C TYR A 408 -2.57 7.93 -15.85
N VAL A 409 -1.36 8.26 -16.34
CA VAL A 409 -1.17 8.47 -17.77
C VAL A 409 -1.37 7.17 -18.54
N GLY A 410 -0.80 6.07 -18.05
CA GLY A 410 -0.92 4.80 -18.75
C GLY A 410 -2.29 4.18 -18.65
N GLU A 411 -3.11 4.61 -17.69
CA GLU A 411 -4.47 4.09 -17.60
C GLU A 411 -5.45 4.78 -18.55
N GLY A 412 -4.94 5.46 -19.58
CA GLY A 412 -5.78 5.91 -20.66
C GLY A 412 -6.26 7.35 -20.60
N MET A 413 -5.74 8.17 -19.69
CA MET A 413 -6.14 9.56 -19.61
C MET A 413 -4.94 10.45 -19.79
N GLU A 414 -5.11 11.53 -20.56
CA GLU A 414 -4.01 12.44 -20.87
C GLU A 414 -3.51 13.15 -19.61
N GLU A 415 -2.24 13.56 -19.66
CA GLU A 415 -1.64 14.21 -18.51
C GLU A 415 -2.17 15.63 -18.31
N GLY A 416 -2.54 16.31 -19.40
CA GLY A 416 -2.97 17.69 -19.31
C GLY A 416 -4.17 17.90 -18.42
N GLU A 417 -4.99 16.87 -18.22
CA GLU A 417 -6.14 17.01 -17.33
C GLU A 417 -5.72 17.23 -15.89
N PHE A 418 -4.53 16.81 -15.49
CA PHE A 418 -4.02 17.16 -14.17
C PHE A 418 -3.87 18.67 -14.03
N SER A 419 -3.27 19.30 -15.05
CA SER A 419 -3.12 20.76 -15.03
C SER A 419 -4.48 21.44 -15.09
N GLU A 420 -5.41 20.87 -15.87
CA GLU A 420 -6.76 21.43 -15.90
C GLU A 420 -7.41 21.38 -14.52
N ALA A 421 -7.28 20.26 -13.82
CA ALA A 421 -7.85 20.14 -12.48
C ALA A 421 -7.20 21.13 -11.51
N ARG A 422 -5.88 21.28 -11.60
CA ARG A 422 -5.20 22.21 -10.72
C ARG A 422 -5.64 23.65 -11.00
N GLU A 423 -5.81 23.99 -12.28
CA GLU A 423 -6.31 25.32 -12.63
C GLU A 423 -7.72 25.53 -12.11
N ASP A 424 -8.57 24.51 -12.21
CA ASP A 424 -9.92 24.62 -11.69
C ASP A 424 -9.92 24.84 -10.18
N MET A 425 -9.05 24.13 -9.46
CA MET A 425 -8.98 24.32 -8.02
C MET A 425 -8.43 25.69 -7.67
N ALA A 426 -7.49 26.20 -8.47
CA ALA A 426 -7.01 27.56 -8.27
C ALA A 426 -8.14 28.56 -8.47
N ALA A 427 -8.97 28.35 -9.48
CA ALA A 427 -10.12 29.22 -9.67
C ALA A 427 -11.09 29.11 -8.49
N LEU A 428 -11.28 27.90 -7.98
CA LEU A 428 -12.16 27.70 -6.83
C LEU A 428 -11.67 28.48 -5.61
N GLU A 429 -10.38 28.37 -5.30
CA GLU A 429 -9.85 29.11 -4.16
C GLU A 429 -9.89 30.60 -4.41
N LYS A 430 -9.72 31.01 -5.67
CA LYS A 430 -9.88 32.43 -6.02
C LYS A 430 -11.28 32.91 -5.69
N ASP A 431 -12.31 32.14 -6.06
CA ASP A 431 -13.66 32.53 -5.72
C ASP A 431 -13.86 32.55 -4.20
N TYR A 432 -13.27 31.58 -3.51
CA TYR A 432 -13.37 31.55 -2.06
C TYR A 432 -12.83 32.83 -1.44
N GLU A 433 -11.60 33.20 -1.79
CA GLU A 433 -11.01 34.38 -1.19
C GLU A 433 -11.66 35.66 -1.70
N GLU A 434 -12.26 35.63 -2.89
CA GLU A 434 -13.00 36.78 -3.39
C GLU A 434 -14.25 37.03 -2.56
N VAL A 435 -14.99 35.96 -2.26
CA VAL A 435 -16.14 36.10 -1.37
C VAL A 435 -15.69 36.52 0.01
N GLY A 436 -14.57 35.97 0.48
CA GLY A 436 -14.06 36.34 1.79
C GLY A 436 -13.65 37.80 1.88
N VAL A 437 -13.11 38.36 0.80
CA VAL A 437 -12.63 39.72 0.81
C VAL A 437 -13.75 40.71 0.46
N ASP A 438 -14.44 40.46 -0.65
CA ASP A 438 -15.52 41.34 -1.09
C ASP A 438 -16.74 41.08 -0.22
N SER A 439 -16.83 41.83 0.88
CA SER A 439 -17.93 41.67 1.82
C SER A 439 -18.14 42.94 2.64
N MET B 1 -9.41 -14.88 -5.38
CA MET B 1 -10.19 -13.67 -5.43
C MET B 1 -9.27 -12.48 -5.78
N ARG B 2 -8.01 -12.58 -5.38
CA ARG B 2 -6.89 -11.87 -6.01
C ARG B 2 -5.68 -12.79 -6.09
N GLU B 3 -5.90 -14.03 -6.54
CA GLU B 3 -4.86 -15.04 -6.45
C GLU B 3 -3.64 -14.67 -7.27
N ILE B 4 -2.47 -14.97 -6.72
CA ILE B 4 -1.19 -14.69 -7.35
C ILE B 4 -0.55 -16.01 -7.76
N VAL B 5 -0.15 -16.10 -9.02
CA VAL B 5 0.62 -17.24 -9.49
C VAL B 5 2.08 -16.99 -9.13
N HIS B 6 2.67 -17.91 -8.38
CA HIS B 6 4.04 -17.79 -7.93
C HIS B 6 4.92 -18.69 -8.78
N ILE B 7 5.95 -18.11 -9.39
CA ILE B 7 6.85 -18.83 -10.28
C ILE B 7 8.27 -18.73 -9.73
N GLN B 8 8.94 -19.87 -9.63
CA GLN B 8 10.33 -19.92 -9.16
C GLN B 8 11.20 -20.51 -10.25
N ALA B 9 12.30 -19.85 -10.55
CA ALA B 9 13.20 -20.27 -11.63
C ALA B 9 14.62 -20.41 -11.09
N GLY B 10 15.40 -21.27 -11.74
CA GLY B 10 16.76 -21.52 -11.34
C GLY B 10 16.85 -22.46 -10.15
N GLN B 11 18.05 -23.00 -9.94
CA GLN B 11 18.25 -23.93 -8.83
C GLN B 11 18.11 -23.21 -7.49
N CYS B 12 18.83 -22.10 -7.31
CA CYS B 12 18.71 -21.33 -6.08
C CYS B 12 17.30 -20.77 -5.92
N GLY B 13 16.71 -20.29 -7.02
CA GLY B 13 15.35 -19.78 -6.95
C GLY B 13 14.35 -20.84 -6.52
N ASN B 14 14.50 -22.05 -7.04
CA ASN B 14 13.56 -23.12 -6.69
C ASN B 14 13.75 -23.56 -5.25
N GLN B 15 15.00 -23.65 -4.79
CA GLN B 15 15.26 -23.94 -3.38
C GLN B 15 14.63 -22.87 -2.48
N ILE B 16 14.85 -21.60 -2.85
CA ILE B 16 14.33 -20.48 -2.08
C ILE B 16 12.81 -20.53 -2.04
N GLY B 17 12.18 -20.80 -3.18
CA GLY B 17 10.74 -20.83 -3.23
C GLY B 17 10.15 -21.97 -2.43
N ALA B 18 10.79 -23.14 -2.49
CA ALA B 18 10.31 -24.27 -1.71
C ALA B 18 10.40 -23.99 -0.22
N LYS B 19 11.52 -23.41 0.23
CA LYS B 19 11.63 -23.09 1.65
C LYS B 19 10.59 -22.03 2.04
N PHE B 20 10.38 -21.03 1.19
CA PHE B 20 9.39 -20.00 1.47
C PHE B 20 7.98 -20.58 1.56
N TRP B 21 7.65 -21.51 0.65
CA TRP B 21 6.36 -22.16 0.70
C TRP B 21 6.20 -22.96 1.97
N GLU B 22 7.26 -23.67 2.38
CA GLU B 22 7.19 -24.44 3.61
C GLU B 22 6.95 -23.55 4.82
N VAL B 23 7.65 -22.42 4.90
CA VAL B 23 7.51 -21.57 6.10
C VAL B 23 6.12 -20.94 6.13
N ILE B 24 5.62 -20.47 4.98
CA ILE B 24 4.30 -19.86 5.03
C ILE B 24 3.22 -20.91 5.23
N SER B 25 3.43 -22.15 4.77
CA SER B 25 2.50 -23.22 5.06
C SER B 25 2.48 -23.53 6.54
N ASP B 26 3.66 -23.54 7.17
CA ASP B 26 3.71 -23.72 8.62
C ASP B 26 2.99 -22.58 9.32
N GLU B 27 3.15 -21.36 8.83
CA GLU B 27 2.46 -20.21 9.41
C GLU B 27 0.95 -20.33 9.26
N HIS B 28 0.49 -20.98 8.19
CA HIS B 28 -0.93 -21.13 7.92
C HIS B 28 -1.47 -22.47 8.42
N GLY B 29 -0.68 -23.25 9.13
CA GLY B 29 -1.13 -24.52 9.66
C GLY B 29 -1.46 -25.57 8.63
N ILE B 30 -0.60 -25.72 7.61
CA ILE B 30 -0.80 -26.70 6.54
C ILE B 30 0.22 -27.82 6.70
N ASP B 31 -0.25 -29.05 6.67
CA ASP B 31 0.63 -30.22 6.73
C ASP B 31 1.27 -30.45 5.37
N PRO B 32 2.30 -31.29 5.29
CA PRO B 32 2.89 -31.60 3.98
C PRO B 32 1.90 -32.18 2.99
N THR B 33 0.87 -32.89 3.45
CA THR B 33 -0.12 -33.45 2.54
C THR B 33 -1.12 -32.41 2.05
N GLY B 34 -1.08 -31.18 2.56
CA GLY B 34 -1.97 -30.13 2.14
C GLY B 34 -3.14 -29.88 3.07
N SER B 35 -3.43 -30.81 3.96
CA SER B 35 -4.55 -30.64 4.88
C SER B 35 -4.23 -29.58 5.93
N TYR B 36 -5.27 -28.95 6.45
CA TYR B 36 -5.11 -27.86 7.41
C TYR B 36 -5.19 -28.40 8.83
N HIS B 37 -4.07 -28.33 9.56
CA HIS B 37 -4.04 -28.73 10.96
C HIS B 37 -3.64 -27.56 11.86
N GLY B 38 -4.25 -26.40 11.63
CA GLY B 38 -4.03 -25.23 12.44
C GLY B 38 -5.05 -25.08 13.55
N ASP B 39 -5.28 -23.84 13.96
CA ASP B 39 -6.17 -23.58 15.08
C ASP B 39 -7.21 -22.52 14.76
N SER B 40 -6.87 -21.58 13.88
CA SER B 40 -7.73 -20.43 13.61
C SER B 40 -7.98 -20.30 12.12
N ASP B 41 -9.07 -19.62 11.79
CA ASP B 41 -9.44 -19.33 10.41
C ASP B 41 -8.93 -17.98 9.92
N LEU B 42 -8.24 -17.22 10.78
CA LEU B 42 -7.65 -15.97 10.33
C LEU B 42 -6.62 -16.23 9.24
N GLN B 43 -5.84 -17.29 9.38
CA GLN B 43 -4.93 -17.69 8.32
C GLN B 43 -5.69 -18.21 7.11
N LEU B 44 -6.92 -18.70 7.31
CA LEU B 44 -7.76 -19.18 6.21
C LEU B 44 -8.51 -18.07 5.50
N GLU B 45 -8.49 -16.85 6.05
CA GLU B 45 -9.21 -15.75 5.42
C GLU B 45 -8.71 -15.49 4.01
N ARG B 46 -7.40 -15.33 3.85
CA ARG B 46 -6.81 -15.07 2.54
C ARG B 46 -5.88 -16.21 2.13
N ILE B 47 -6.26 -17.44 2.51
CA ILE B 47 -5.44 -18.60 2.19
C ILE B 47 -5.60 -18.97 0.72
N ASN B 48 -6.74 -18.64 0.11
CA ASN B 48 -6.98 -18.98 -1.29
C ASN B 48 -6.13 -18.13 -2.22
N VAL B 49 -5.56 -17.03 -1.73
CA VAL B 49 -4.72 -16.17 -2.56
C VAL B 49 -3.52 -16.95 -3.08
N TYR B 50 -2.97 -17.85 -2.27
CA TYR B 50 -1.80 -18.62 -2.64
C TYR B 50 -2.07 -20.11 -2.78
N TYR B 51 -3.22 -20.60 -2.30
CA TYR B 51 -3.50 -22.04 -2.26
C TYR B 51 -4.85 -22.34 -2.88
N ASN B 52 -5.01 -23.57 -3.32
CA ASN B 52 -6.26 -24.07 -3.88
C ASN B 52 -6.65 -25.35 -3.16
N GLU B 53 -7.94 -25.50 -2.89
CA GLU B 53 -8.47 -26.68 -2.22
C GLU B 53 -9.36 -27.46 -3.18
N ALA B 54 -9.20 -28.79 -3.21
CA ALA B 54 -9.96 -29.66 -4.10
C ALA B 54 -10.58 -30.81 -3.30
N ALA B 55 -11.76 -30.55 -2.74
CA ALA B 55 -12.64 -31.58 -2.19
C ALA B 55 -12.03 -32.40 -1.05
N GLY B 56 -10.83 -32.04 -0.61
CA GLY B 56 -10.19 -32.81 0.44
C GLY B 56 -9.36 -31.99 1.40
N ASN B 57 -9.61 -30.69 1.45
CA ASN B 57 -8.86 -29.73 2.28
C ASN B 57 -7.38 -29.71 1.92
N LYS B 58 -6.99 -30.30 0.80
CA LYS B 58 -5.59 -30.34 0.39
C LYS B 58 -5.25 -29.02 -0.30
N TYR B 59 -4.64 -28.11 0.43
CA TYR B 59 -4.32 -26.79 -0.08
C TYR B 59 -3.03 -26.88 -0.89
N VAL B 60 -3.18 -27.09 -2.19
CA VAL B 60 -2.04 -27.16 -3.11
C VAL B 60 -1.59 -25.74 -3.41
N PRO B 61 -0.32 -25.41 -3.19
CA PRO B 61 0.16 -24.06 -3.50
C PRO B 61 0.09 -23.79 -5.00
N ARG B 62 -0.14 -22.52 -5.34
CA ARG B 62 -0.12 -22.09 -6.73
C ARG B 62 1.30 -21.74 -7.16
N ALA B 63 2.17 -22.75 -7.11
CA ALA B 63 3.59 -22.60 -7.40
C ALA B 63 3.95 -23.40 -8.64
N ILE B 64 4.92 -22.88 -9.39
CA ILE B 64 5.38 -23.51 -10.62
C ILE B 64 6.88 -23.73 -10.52
N LEU B 65 7.31 -24.99 -10.59
CA LEU B 65 8.72 -25.35 -10.55
C LEU B 65 9.23 -25.39 -11.98
N VAL B 66 9.93 -24.36 -12.40
CA VAL B 66 10.48 -24.28 -13.76
C VAL B 66 11.99 -24.14 -13.68
N ASP B 67 12.69 -25.00 -14.42
CA ASP B 67 14.14 -24.98 -14.51
C ASP B 67 14.56 -25.86 -15.68
N LEU B 68 15.53 -25.40 -16.46
CA LEU B 68 15.97 -26.17 -17.63
C LEU B 68 16.68 -27.46 -17.23
N GLU B 69 17.16 -27.56 -16.00
CA GLU B 69 17.75 -28.80 -15.51
C GLU B 69 16.71 -29.58 -14.73
N PRO B 70 16.37 -30.81 -15.15
CA PRO B 70 15.32 -31.56 -14.44
C PRO B 70 15.68 -31.93 -13.01
N GLY B 71 16.96 -31.93 -12.65
CA GLY B 71 17.36 -32.35 -11.31
C GLY B 71 16.93 -31.39 -10.21
N THR B 72 16.68 -30.12 -10.54
CA THR B 72 16.28 -29.17 -9.53
C THR B 72 14.93 -29.54 -8.92
N MET B 73 13.95 -29.88 -9.77
CA MET B 73 12.67 -30.32 -9.25
C MET B 73 12.76 -31.68 -8.56
N ASP B 74 13.69 -32.52 -9.01
CA ASP B 74 13.90 -33.80 -8.33
C ASP B 74 14.38 -33.56 -6.91
N SER B 75 15.27 -32.58 -6.72
CA SER B 75 15.74 -32.27 -5.37
C SER B 75 14.66 -31.59 -4.55
N VAL B 76 13.92 -30.66 -5.16
CA VAL B 76 12.92 -29.90 -4.41
C VAL B 76 11.77 -30.80 -3.97
N ARG B 77 11.25 -31.62 -4.88
CA ARG B 77 10.11 -32.48 -4.58
C ARG B 77 10.43 -33.55 -3.55
N SER B 78 11.71 -33.80 -3.29
CA SER B 78 12.12 -34.74 -2.26
C SER B 78 12.07 -34.14 -0.86
N GLY B 79 11.80 -32.84 -0.74
CA GLY B 79 11.76 -32.19 0.55
C GLY B 79 10.45 -32.45 1.27
N PRO B 80 10.37 -31.97 2.51
CA PRO B 80 9.14 -32.17 3.30
C PRO B 80 7.91 -31.55 2.64
N PHE B 81 8.04 -30.40 1.99
CA PHE B 81 6.93 -29.73 1.34
C PHE B 81 7.12 -29.61 -0.17
N GLY B 82 7.99 -30.44 -0.74
CA GLY B 82 8.19 -30.41 -2.18
C GLY B 82 7.14 -31.14 -2.98
N GLN B 83 6.47 -32.12 -2.38
CA GLN B 83 5.45 -32.89 -3.06
C GLN B 83 4.05 -32.27 -2.95
N ILE B 84 3.89 -31.22 -2.13
CA ILE B 84 2.59 -30.58 -2.01
C ILE B 84 2.24 -29.78 -3.27
N PHE B 85 3.22 -29.48 -4.11
CA PHE B 85 2.97 -28.71 -5.31
C PHE B 85 2.25 -29.54 -6.36
N ARG B 86 1.53 -28.86 -7.23
CA ARG B 86 0.79 -29.53 -8.30
C ARG B 86 1.78 -30.17 -9.27
N PRO B 87 1.61 -31.46 -9.58
CA PRO B 87 2.56 -32.12 -10.49
C PRO B 87 2.61 -31.50 -11.88
N ASP B 88 1.50 -30.95 -12.37
CA ASP B 88 1.48 -30.36 -13.70
C ASP B 88 2.35 -29.10 -13.79
N ASN B 89 2.68 -28.48 -12.65
CA ASN B 89 3.51 -27.29 -12.65
C ASN B 89 4.98 -27.58 -12.84
N PHE B 90 5.38 -28.85 -12.82
CA PHE B 90 6.80 -29.22 -12.96
C PHE B 90 7.14 -29.28 -14.44
N VAL B 91 7.80 -28.24 -14.95
CA VAL B 91 8.23 -28.16 -16.33
C VAL B 91 9.75 -28.06 -16.36
N PHE B 92 10.40 -29.03 -17.01
CA PHE B 92 11.84 -29.12 -17.03
C PHE B 92 12.35 -29.32 -18.45
N GLY B 93 13.45 -28.67 -18.78
CA GLY B 93 14.07 -28.87 -20.08
C GLY B 93 14.97 -30.09 -20.09
N GLN B 94 15.40 -30.45 -21.30
CA GLN B 94 16.26 -31.61 -21.50
C GLN B 94 17.66 -31.24 -21.96
N SER B 95 17.96 -29.95 -22.10
CA SER B 95 19.27 -29.50 -22.54
C SER B 95 19.97 -28.64 -21.50
N GLY B 96 19.29 -27.66 -20.93
CA GLY B 96 19.90 -26.78 -19.95
C GLY B 96 20.62 -25.60 -20.56
N ALA B 97 20.38 -24.40 -20.01
CA ALA B 97 21.04 -23.21 -20.53
C ALA B 97 22.53 -23.19 -20.21
N GLY B 98 22.96 -23.94 -19.20
CA GLY B 98 24.36 -23.91 -18.80
C GLY B 98 24.81 -22.56 -18.29
N ASN B 99 23.98 -21.92 -17.47
CA ASN B 99 24.26 -20.59 -16.94
C ASN B 99 24.52 -19.58 -18.07
N ASN B 100 23.72 -19.65 -19.12
CA ASN B 100 23.80 -18.74 -20.25
C ASN B 100 22.49 -17.99 -20.40
N TRP B 101 22.59 -16.67 -20.55
CA TRP B 101 21.39 -15.86 -20.72
C TRP B 101 20.79 -16.02 -22.11
N ALA B 102 21.63 -16.07 -23.14
CA ALA B 102 21.12 -16.14 -24.51
C ALA B 102 20.38 -17.45 -24.75
N LYS B 103 20.98 -18.58 -24.38
CA LYS B 103 20.30 -19.86 -24.51
C LYS B 103 19.09 -19.95 -23.60
N GLY B 104 19.19 -19.42 -22.38
CA GLY B 104 18.08 -19.48 -21.45
C GLY B 104 16.95 -18.51 -21.75
N HIS B 105 17.13 -17.61 -22.71
CA HIS B 105 16.10 -16.65 -23.05
C HIS B 105 15.61 -16.72 -24.49
N TYR B 106 16.46 -17.12 -25.44
CA TYR B 106 16.09 -17.08 -26.85
C TYR B 106 15.57 -18.42 -27.37
N THR B 107 16.39 -19.46 -27.35
CA THR B 107 16.02 -20.75 -27.95
C THR B 107 15.57 -21.77 -26.91
N GLU B 108 16.45 -22.11 -25.97
CA GLU B 108 16.06 -23.06 -24.94
C GLU B 108 15.07 -22.46 -23.95
N GLY B 109 15.04 -21.13 -23.84
CA GLY B 109 14.02 -20.50 -23.02
C GLY B 109 12.62 -20.71 -23.56
N ALA B 110 12.45 -20.56 -24.88
CA ALA B 110 11.12 -20.62 -25.47
C ALA B 110 10.54 -22.03 -25.43
N GLU B 111 11.37 -23.03 -25.72
CA GLU B 111 10.89 -24.41 -25.79
C GLU B 111 10.35 -24.90 -24.46
N LEU B 112 10.67 -24.22 -23.37
CA LEU B 112 10.08 -24.53 -22.06
C LEU B 112 9.05 -23.50 -21.64
N VAL B 113 9.25 -22.23 -22.01
CA VAL B 113 8.32 -21.19 -21.60
C VAL B 113 6.99 -21.32 -22.32
N ASP B 114 6.94 -21.97 -23.48
CA ASP B 114 5.65 -22.23 -24.10
C ASP B 114 4.80 -23.12 -23.19
N SER B 115 5.39 -24.21 -22.69
CA SER B 115 4.67 -25.07 -21.75
C SER B 115 4.39 -24.33 -20.44
N VAL B 116 5.33 -23.51 -19.98
CA VAL B 116 5.13 -22.78 -18.74
C VAL B 116 3.94 -21.83 -18.86
N LEU B 117 3.85 -21.12 -19.99
CA LEU B 117 2.73 -20.22 -20.21
C LEU B 117 1.42 -21.00 -20.37
N ASP B 118 1.48 -22.19 -20.98
CA ASP B 118 0.29 -23.02 -21.03
C ASP B 118 -0.20 -23.36 -19.63
N VAL B 119 0.73 -23.74 -18.75
CA VAL B 119 0.37 -24.04 -17.37
C VAL B 119 -0.18 -22.79 -16.68
N VAL B 120 0.44 -21.64 -16.92
CA VAL B 120 -0.02 -20.40 -16.30
C VAL B 120 -1.43 -20.08 -16.73
N ARG B 121 -1.72 -20.23 -18.02
CA ARG B 121 -3.07 -19.99 -18.52
C ARG B 121 -4.05 -20.98 -17.93
N LYS B 122 -3.64 -22.24 -17.77
CA LYS B 122 -4.51 -23.23 -17.15
C LYS B 122 -4.85 -22.83 -15.72
N GLU B 123 -3.87 -22.32 -14.98
CA GLU B 123 -4.17 -21.84 -13.62
C GLU B 123 -5.05 -20.61 -13.63
N SER B 124 -4.80 -19.67 -14.55
CA SER B 124 -5.52 -18.41 -14.52
C SER B 124 -6.98 -18.58 -14.93
N GLU B 125 -7.26 -19.47 -15.89
CA GLU B 125 -8.65 -19.70 -16.28
C GLU B 125 -9.46 -20.28 -15.14
N SER B 126 -8.82 -21.10 -14.28
CA SER B 126 -9.47 -21.60 -13.08
C SER B 126 -9.49 -20.58 -11.96
N CYS B 127 -8.75 -19.48 -12.10
CA CYS B 127 -8.72 -18.43 -11.09
C CYS B 127 -9.71 -17.33 -11.46
N ASP B 128 -10.56 -16.95 -10.50
CA ASP B 128 -11.63 -16.00 -10.79
C ASP B 128 -11.08 -14.64 -11.18
N CYS B 129 -10.06 -14.17 -10.47
CA CYS B 129 -9.48 -12.85 -10.77
C CYS B 129 -8.06 -12.84 -10.25
N LEU B 130 -7.09 -12.78 -11.17
CA LEU B 130 -5.68 -12.86 -10.83
C LEU B 130 -5.09 -11.46 -10.93
N GLN B 131 -4.38 -11.04 -9.88
CA GLN B 131 -3.85 -9.68 -9.88
C GLN B 131 -2.41 -9.63 -10.39
N GLY B 132 -1.59 -10.61 -10.06
CA GLY B 132 -0.20 -10.52 -10.43
C GLY B 132 0.52 -11.84 -10.36
N PHE B 133 1.82 -11.78 -10.59
CA PHE B 133 2.71 -12.93 -10.55
C PHE B 133 3.84 -12.67 -9.57
N GLN B 134 4.30 -13.75 -8.94
CA GLN B 134 5.43 -13.71 -8.03
C GLN B 134 6.58 -14.48 -8.66
N LEU B 135 7.75 -13.85 -8.78
CA LEU B 135 8.91 -14.48 -9.37
C LEU B 135 10.06 -14.44 -8.38
N THR B 136 10.71 -15.59 -8.20
CA THR B 136 11.93 -15.70 -7.41
C THR B 136 13.00 -16.31 -8.30
N HIS B 137 14.14 -15.64 -8.41
CA HIS B 137 15.20 -16.12 -9.28
C HIS B 137 16.53 -15.54 -8.82
N SER B 138 17.60 -16.21 -9.21
CA SER B 138 18.95 -15.77 -8.92
C SER B 138 19.57 -15.20 -10.19
N LEU B 139 20.02 -13.95 -10.13
CA LEU B 139 20.59 -13.32 -11.31
C LEU B 139 21.93 -13.93 -11.71
N GLY B 140 22.59 -14.65 -10.78
CA GLY B 140 23.85 -15.28 -11.12
C GLY B 140 23.70 -16.37 -12.16
N GLY B 141 22.69 -17.22 -12.00
CA GLY B 141 22.46 -18.27 -12.98
C GLY B 141 21.88 -17.72 -14.26
N GLY B 142 22.41 -18.22 -15.38
CA GLY B 142 21.95 -17.79 -16.68
C GLY B 142 20.65 -18.46 -17.09
N THR B 143 20.34 -19.58 -16.45
CA THR B 143 19.09 -20.27 -16.75
C THR B 143 17.90 -19.51 -16.20
N GLY B 144 17.85 -19.35 -14.88
CA GLY B 144 16.70 -18.71 -14.26
C GLY B 144 16.49 -17.29 -14.74
N SER B 145 17.58 -16.55 -14.95
CA SER B 145 17.48 -15.18 -15.43
C SER B 145 16.81 -15.12 -16.79
N GLY B 146 17.28 -15.94 -17.73
CA GLY B 146 16.70 -15.95 -19.06
C GLY B 146 15.24 -16.41 -19.05
N MET B 147 14.97 -17.48 -18.31
CA MET B 147 13.58 -17.93 -18.17
C MET B 147 12.70 -16.81 -17.65
N GLY B 148 13.10 -16.17 -16.56
CA GLY B 148 12.27 -15.14 -15.96
C GLY B 148 12.08 -13.94 -16.87
N THR B 149 13.15 -13.52 -17.56
CA THR B 149 13.03 -12.41 -18.48
C THR B 149 12.03 -12.73 -19.59
N LEU B 150 12.10 -13.95 -20.13
CA LEU B 150 11.14 -14.34 -21.16
C LEU B 150 9.72 -14.37 -20.60
N LEU B 151 9.56 -14.92 -19.38
CA LEU B 151 8.25 -14.92 -18.75
C LEU B 151 7.69 -13.52 -18.67
N ILE B 152 8.47 -12.58 -18.13
CA ILE B 152 7.96 -11.24 -17.90
C ILE B 152 7.63 -10.56 -19.21
N SER B 153 8.51 -10.69 -20.21
CA SER B 153 8.28 -10.03 -21.49
C SER B 153 6.99 -10.54 -22.14
N LYS B 154 6.86 -11.85 -22.28
CA LYS B 154 5.68 -12.36 -22.98
C LYS B 154 4.42 -12.29 -22.14
N ILE B 155 4.55 -12.24 -20.81
CA ILE B 155 3.38 -12.04 -19.97
C ILE B 155 2.87 -10.61 -20.11
N ARG B 156 3.78 -9.64 -20.11
CA ARG B 156 3.38 -8.26 -20.37
C ARG B 156 2.77 -8.12 -21.76
N GLU B 157 3.32 -8.84 -22.74
CA GLU B 157 2.71 -8.84 -24.07
C GLU B 157 1.29 -9.40 -24.02
N GLU B 158 1.10 -10.53 -23.31
CA GLU B 158 -0.22 -11.12 -23.21
C GLU B 158 -1.11 -10.36 -22.24
N TYR B 159 -0.56 -9.93 -21.10
CA TYR B 159 -1.33 -9.30 -20.03
C TYR B 159 -0.67 -8.00 -19.63
N PRO B 160 -0.78 -6.96 -20.45
CA PRO B 160 -0.24 -5.65 -20.05
C PRO B 160 -0.90 -5.08 -18.81
N ASP B 161 -2.13 -5.49 -18.53
CA ASP B 161 -2.87 -4.99 -17.37
C ASP B 161 -2.58 -5.74 -16.09
N ARG B 162 -1.85 -6.86 -16.15
CA ARG B 162 -1.59 -7.66 -14.97
C ARG B 162 -0.23 -7.27 -14.38
N ILE B 163 -0.26 -6.68 -13.18
CA ILE B 163 0.95 -6.23 -12.52
C ILE B 163 1.82 -7.43 -12.17
N MET B 164 3.10 -7.16 -11.90
CA MET B 164 4.02 -8.25 -11.56
C MET B 164 5.15 -7.73 -10.70
N ASN B 165 5.39 -8.38 -9.58
CA ASN B 165 6.54 -8.11 -8.72
C ASN B 165 7.41 -9.35 -8.65
N THR B 166 8.71 -9.15 -8.50
CA THR B 166 9.67 -10.23 -8.52
C THR B 166 10.64 -10.10 -7.37
N PHE B 167 11.19 -11.24 -6.94
CA PHE B 167 12.21 -11.27 -5.91
C PHE B 167 13.54 -11.59 -6.60
N SER B 168 14.28 -10.54 -6.96
CA SER B 168 15.55 -10.72 -7.65
C SER B 168 16.64 -10.97 -6.62
N VAL B 169 17.26 -12.14 -6.69
CA VAL B 169 18.36 -12.49 -5.80
C VAL B 169 19.65 -12.08 -6.50
N VAL B 170 20.16 -10.91 -6.16
CA VAL B 170 21.39 -10.41 -6.76
C VAL B 170 22.57 -11.20 -6.21
N PRO B 171 23.37 -11.83 -7.05
CA PRO B 171 24.52 -12.60 -6.58
C PRO B 171 25.65 -11.67 -6.15
N SER B 172 26.77 -12.28 -5.78
CA SER B 172 27.93 -11.51 -5.37
C SER B 172 29.19 -12.06 -6.03
N PRO B 173 30.16 -11.19 -6.32
CA PRO B 173 31.48 -11.70 -6.72
C PRO B 173 32.12 -12.55 -5.65
N LYS B 174 31.86 -12.25 -4.38
CA LYS B 174 32.44 -12.99 -3.27
C LYS B 174 31.61 -14.20 -2.85
N VAL B 175 30.46 -14.42 -3.48
CA VAL B 175 29.59 -15.54 -3.16
C VAL B 175 29.62 -16.61 -4.25
N SER B 176 29.48 -16.22 -5.50
CA SER B 176 29.41 -17.15 -6.62
C SER B 176 30.58 -16.91 -7.57
N ASP B 177 30.61 -17.72 -8.63
CA ASP B 177 31.64 -17.59 -9.64
C ASP B 177 31.48 -16.29 -10.43
N THR B 178 32.58 -15.84 -11.03
CA THR B 178 32.60 -14.59 -11.79
C THR B 178 33.33 -14.85 -13.11
N VAL B 179 32.58 -15.23 -14.15
CA VAL B 179 33.15 -15.41 -15.48
C VAL B 179 32.33 -14.62 -16.51
N VAL B 180 31.02 -14.86 -16.56
CA VAL B 180 30.15 -14.19 -17.52
C VAL B 180 28.91 -13.67 -16.80
N GLU B 181 28.84 -13.90 -15.49
CA GLU B 181 27.70 -13.41 -14.70
C GLU B 181 27.46 -11.92 -14.79
N PRO B 182 28.46 -11.03 -14.83
CA PRO B 182 28.14 -9.60 -14.98
C PRO B 182 27.31 -9.30 -16.22
N TYR B 183 27.60 -9.96 -17.34
CA TYR B 183 26.81 -9.76 -18.56
C TYR B 183 25.36 -10.16 -18.36
N ASN B 184 25.14 -11.34 -17.77
CA ASN B 184 23.79 -11.82 -17.53
C ASN B 184 23.05 -10.90 -16.56
N ALA B 185 23.74 -10.43 -15.52
CA ALA B 185 23.10 -9.53 -14.57
C ALA B 185 22.73 -8.21 -15.23
N THR B 186 23.61 -7.68 -16.09
CA THR B 186 23.30 -6.46 -16.80
C THR B 186 22.09 -6.63 -17.71
N LEU B 187 22.04 -7.75 -18.44
CA LEU B 187 20.89 -8.01 -19.29
C LEU B 187 19.61 -8.16 -18.46
N SER B 188 19.71 -8.82 -17.32
CA SER B 188 18.55 -9.03 -16.47
C SER B 188 18.00 -7.71 -15.95
N VAL B 189 18.87 -6.86 -15.42
CA VAL B 189 18.39 -5.58 -14.90
C VAL B 189 17.88 -4.70 -16.04
N HIS B 190 18.51 -4.78 -17.21
CA HIS B 190 18.01 -4.02 -18.36
C HIS B 190 16.60 -4.46 -18.71
N GLN B 191 16.33 -5.77 -18.67
CA GLN B 191 14.97 -6.26 -18.88
C GLN B 191 14.04 -5.74 -17.79
N LEU B 192 14.49 -5.75 -16.53
CA LEU B 192 13.62 -5.40 -15.42
C LEU B 192 13.33 -3.90 -15.34
N VAL B 193 14.12 -3.06 -16.02
CA VAL B 193 13.84 -1.63 -15.99
C VAL B 193 12.43 -1.34 -16.52
N GLU B 194 11.98 -2.08 -17.53
CA GLU B 194 10.68 -1.84 -18.11
C GLU B 194 9.72 -3.01 -17.99
N ASN B 195 10.22 -4.24 -17.88
CA ASN B 195 9.34 -5.40 -17.92
C ASN B 195 8.54 -5.57 -16.63
N THR B 196 9.17 -5.35 -15.49
CA THR B 196 8.52 -5.58 -14.21
C THR B 196 7.96 -4.29 -13.64
N ASP B 197 6.74 -4.36 -13.11
CA ASP B 197 6.15 -3.21 -12.46
C ASP B 197 6.73 -2.97 -11.08
N GLU B 198 7.22 -4.03 -10.44
CA GLU B 198 7.80 -3.95 -9.11
C GLU B 198 8.96 -4.94 -9.05
N THR B 199 9.89 -4.70 -8.12
CA THR B 199 11.02 -5.59 -7.98
C THR B 199 11.62 -5.42 -6.60
N TYR B 200 11.91 -6.53 -5.94
CA TYR B 200 12.60 -6.55 -4.66
C TYR B 200 14.04 -6.97 -4.89
N CYS B 201 14.99 -6.16 -4.46
CA CYS B 201 16.40 -6.46 -4.64
C CYS B 201 16.92 -7.18 -3.41
N ILE B 202 17.50 -8.36 -3.63
CA ILE B 202 18.08 -9.17 -2.57
C ILE B 202 19.55 -9.34 -2.93
N ASP B 203 20.43 -8.77 -2.11
CA ASP B 203 21.84 -8.62 -2.45
C ASP B 203 22.66 -9.57 -1.60
N ASN B 204 23.55 -10.33 -2.26
CA ASN B 204 24.28 -11.40 -1.58
C ASN B 204 25.39 -10.87 -0.68
N GLU B 205 25.94 -9.69 -0.97
CA GLU B 205 26.92 -9.10 -0.05
C GLU B 205 26.33 -8.94 1.33
N ALA B 206 25.24 -8.16 1.44
CA ALA B 206 24.60 -7.96 2.74
C ALA B 206 24.00 -9.26 3.26
N LEU B 207 23.61 -10.16 2.38
CA LEU B 207 23.08 -11.44 2.82
C LEU B 207 24.12 -12.23 3.59
N TYR B 208 25.32 -12.41 3.00
CA TYR B 208 26.40 -13.08 3.71
C TYR B 208 26.82 -12.29 4.94
N ASP B 209 26.81 -10.97 4.84
CA ASP B 209 27.16 -10.12 5.98
C ASP B 209 26.28 -10.45 7.18
N ILE B 210 24.95 -10.40 6.97
CA ILE B 210 24.02 -10.65 8.07
C ILE B 210 24.13 -12.09 8.54
N CYS B 211 24.20 -13.04 7.60
CA CYS B 211 24.29 -14.44 7.98
C CYS B 211 25.57 -14.78 8.73
N PHE B 212 26.61 -13.95 8.59
CA PHE B 212 27.89 -14.28 9.20
C PHE B 212 28.11 -13.53 10.52
N ARG B 213 28.06 -12.19 10.50
CA ARG B 213 28.46 -11.46 11.70
C ARG B 213 27.30 -11.23 12.67
N THR B 214 26.07 -11.07 12.18
CA THR B 214 24.92 -10.95 13.06
C THR B 214 24.39 -12.28 13.54
N LEU B 215 24.46 -13.32 12.69
CA LEU B 215 24.07 -14.66 13.08
C LEU B 215 25.20 -15.44 13.72
N LYS B 216 26.42 -14.90 13.74
CA LYS B 216 27.57 -15.52 14.38
C LYS B 216 27.78 -16.94 13.87
N LEU B 217 28.06 -17.04 12.57
CA LEU B 217 28.33 -18.32 11.93
C LEU B 217 29.64 -18.20 11.17
N THR B 218 30.56 -19.13 11.43
CA THR B 218 31.91 -19.02 10.87
C THR B 218 31.89 -19.13 9.35
N THR B 219 31.26 -20.18 8.82
CA THR B 219 31.19 -20.42 7.39
C THR B 219 29.73 -20.48 6.98
N PRO B 220 29.18 -19.37 6.47
CA PRO B 220 27.78 -19.38 6.03
C PRO B 220 27.55 -20.41 4.94
N THR B 221 26.45 -21.14 5.08
CA THR B 221 26.03 -22.12 4.10
C THR B 221 24.75 -21.63 3.44
N TYR B 222 24.53 -22.11 2.21
CA TYR B 222 23.40 -21.61 1.45
C TYR B 222 22.06 -21.89 2.12
N GLY B 223 22.00 -22.89 3.01
CA GLY B 223 20.75 -23.17 3.70
C GLY B 223 20.29 -22.03 4.59
N ASP B 224 21.22 -21.46 5.36
CA ASP B 224 20.88 -20.33 6.22
C ASP B 224 20.49 -19.12 5.41
N LEU B 225 21.17 -18.89 4.28
CA LEU B 225 20.79 -17.82 3.37
C LEU B 225 19.37 -18.03 2.87
N ASN B 226 19.05 -19.29 2.53
CA ASN B 226 17.70 -19.62 2.08
C ASN B 226 16.68 -19.28 3.16
N HIS B 227 16.98 -19.67 4.40
CA HIS B 227 16.06 -19.43 5.50
C HIS B 227 15.84 -17.94 5.72
N LEU B 228 16.92 -17.16 5.67
CA LEU B 228 16.80 -15.73 5.91
C LEU B 228 16.00 -15.04 4.81
N VAL B 229 16.27 -15.38 3.55
CA VAL B 229 15.51 -14.72 2.48
C VAL B 229 14.06 -15.18 2.51
N SER B 230 13.79 -16.42 2.89
CA SER B 230 12.42 -16.89 2.99
C SER B 230 11.67 -16.14 4.08
N ALA B 231 12.32 -15.92 5.23
CA ALA B 231 11.71 -15.10 6.27
C ALA B 231 11.48 -13.68 5.78
N THR B 232 12.41 -13.16 4.97
CA THR B 232 12.25 -11.82 4.42
C THR B 232 10.99 -11.72 3.58
N MET B 233 10.79 -12.66 2.64
CA MET B 233 9.56 -12.59 1.84
C MET B 233 8.32 -12.93 2.66
N SER B 234 8.45 -13.75 3.69
CA SER B 234 7.32 -13.94 4.58
C SER B 234 6.86 -12.61 5.15
N GLY B 235 7.81 -11.83 5.66
CA GLY B 235 7.48 -10.51 6.17
C GLY B 235 6.91 -9.60 5.10
N VAL B 236 7.51 -9.64 3.90
CA VAL B 236 7.11 -8.70 2.85
C VAL B 236 5.69 -9.02 2.37
N THR B 237 5.38 -10.30 2.16
CA THR B 237 4.07 -10.71 1.68
C THR B 237 3.07 -10.90 2.81
N THR B 238 3.44 -10.61 4.05
CA THR B 238 2.46 -10.54 5.13
C THR B 238 1.28 -9.65 4.74
N CYS B 239 1.55 -8.54 4.07
CA CYS B 239 0.48 -7.63 3.67
C CYS B 239 -0.51 -8.31 2.74
N LEU B 240 -0.04 -9.09 1.77
CA LEU B 240 -0.92 -9.73 0.80
C LEU B 240 -1.64 -10.94 1.38
N ARG B 241 -0.90 -11.82 2.06
CA ARG B 241 -1.48 -13.09 2.48
C ARG B 241 -2.31 -12.98 3.75
N PHE B 242 -2.34 -11.82 4.39
CA PHE B 242 -3.17 -11.62 5.57
C PHE B 242 -4.01 -10.36 5.41
N PRO B 243 -5.21 -10.34 5.98
CA PRO B 243 -6.01 -9.11 5.96
C PRO B 243 -5.41 -8.06 6.88
N GLY B 244 -5.72 -6.80 6.56
CA GLY B 244 -5.26 -5.70 7.37
C GLY B 244 -6.01 -4.43 7.00
N GLN B 245 -5.84 -3.41 7.84
CA GLN B 245 -6.50 -2.14 7.59
C GLN B 245 -6.02 -1.53 6.27
N LEU B 246 -4.72 -1.61 6.00
CA LEU B 246 -4.19 -1.08 4.75
C LEU B 246 -4.79 -1.79 3.54
N ASN B 247 -5.11 -3.08 3.68
CA ASN B 247 -5.72 -3.88 2.61
C ASN B 247 -4.87 -3.82 1.34
N ALA B 248 -3.56 -3.89 1.52
CA ALA B 248 -2.63 -3.71 0.41
C ALA B 248 -2.54 -4.99 -0.40
N ASP B 249 -3.12 -4.96 -1.59
CA ASP B 249 -2.87 -6.01 -2.57
C ASP B 249 -1.65 -5.63 -3.39
N LEU B 250 -1.44 -6.28 -4.54
CA LEU B 250 -0.23 -6.02 -5.31
C LEU B 250 -0.24 -4.63 -5.93
N ARG B 251 -1.33 -4.25 -6.60
CA ARG B 251 -1.38 -2.96 -7.26
C ARG B 251 -1.43 -1.83 -6.24
N LYS B 252 -2.13 -2.03 -5.13
CA LYS B 252 -2.11 -1.04 -4.07
C LYS B 252 -0.68 -0.81 -3.58
N LEU B 253 0.07 -1.89 -3.42
CA LEU B 253 1.45 -1.78 -2.97
C LEU B 253 2.29 -1.01 -3.97
N ALA B 254 2.19 -1.36 -5.26
CA ALA B 254 2.98 -0.65 -6.26
C ALA B 254 2.63 0.82 -6.31
N VAL B 255 1.35 1.16 -6.23
CA VAL B 255 0.94 2.56 -6.27
C VAL B 255 1.49 3.30 -5.06
N ASN B 256 1.39 2.70 -3.88
CA ASN B 256 1.85 3.38 -2.68
C ASN B 256 3.36 3.42 -2.54
N MET B 257 4.10 2.66 -3.35
CA MET B 257 5.54 2.66 -3.24
C MET B 257 6.25 3.24 -4.45
N VAL B 258 5.96 2.75 -5.66
CA VAL B 258 6.67 3.21 -6.86
C VAL B 258 6.21 4.61 -7.22
N PRO B 259 7.12 5.60 -7.26
CA PRO B 259 6.72 6.96 -7.63
C PRO B 259 6.92 7.27 -9.10
N PHE B 260 7.71 6.45 -9.80
CA PHE B 260 8.06 6.72 -11.18
C PHE B 260 8.16 5.40 -11.93
N PRO B 261 7.94 5.39 -13.24
CA PRO B 261 7.90 4.12 -13.96
C PRO B 261 9.17 3.30 -13.84
N ARG B 262 10.33 3.95 -13.81
CA ARG B 262 11.59 3.21 -13.78
C ARG B 262 12.10 2.94 -12.38
N LEU B 263 11.56 3.62 -11.36
CA LEU B 263 12.05 3.48 -9.99
C LEU B 263 11.19 2.45 -9.25
N HIS B 264 11.41 1.19 -9.60
CA HIS B 264 10.59 0.10 -9.08
C HIS B 264 11.46 -0.96 -8.43
N PHE B 265 12.49 -0.54 -7.69
CA PHE B 265 13.33 -1.47 -6.94
C PHE B 265 13.25 -1.09 -5.47
N PHE B 266 12.97 -2.08 -4.62
CA PHE B 266 12.82 -1.85 -3.19
C PHE B 266 13.87 -2.64 -2.43
N MET B 267 14.32 -2.10 -1.31
CA MET B 267 15.23 -2.79 -0.41
C MET B 267 14.45 -3.33 0.77
N PRO B 268 14.49 -4.63 1.04
CA PRO B 268 13.76 -5.19 2.17
C PRO B 268 14.50 -4.96 3.47
N GLY B 269 13.79 -5.24 4.56
CA GLY B 269 14.35 -5.11 5.89
C GLY B 269 13.63 -5.99 6.89
N PHE B 270 14.37 -6.67 7.75
CA PHE B 270 13.80 -7.62 8.69
C PHE B 270 14.36 -7.36 10.07
N ALA B 271 13.53 -7.62 11.08
CA ALA B 271 13.93 -7.46 12.48
C ALA B 271 13.00 -8.30 13.33
N PRO B 272 13.51 -8.93 14.39
CA PRO B 272 14.91 -8.96 14.84
C PRO B 272 15.73 -10.01 14.11
N LEU B 273 17.05 -9.84 14.11
CA LEU B 273 17.98 -10.81 13.53
C LEU B 273 19.01 -11.14 14.61
N THR B 274 18.78 -12.24 15.32
CA THR B 274 19.62 -12.63 16.45
C THR B 274 20.40 -13.89 16.12
N SER B 275 21.66 -13.93 16.53
CA SER B 275 22.48 -15.12 16.35
C SER B 275 21.92 -16.28 17.16
N ARG B 276 21.99 -17.48 16.60
CA ARG B 276 21.49 -18.66 17.30
C ARG B 276 22.54 -19.24 18.25
N GLY B 277 23.15 -18.36 19.06
CA GLY B 277 23.92 -18.77 20.21
C GLY B 277 23.77 -17.76 21.33
N SER B 278 23.04 -16.68 21.03
CA SER B 278 22.75 -15.63 22.01
C SER B 278 21.33 -15.09 21.87
N GLN B 279 20.44 -15.86 21.25
CA GLN B 279 19.08 -15.37 21.00
C GLN B 279 18.39 -15.01 22.30
N GLN B 280 17.76 -13.83 22.31
CA GLN B 280 17.06 -13.37 23.50
C GLN B 280 15.84 -14.24 23.76
N TYR B 281 15.60 -14.54 25.03
CA TYR B 281 14.39 -15.22 25.44
C TYR B 281 13.24 -14.27 25.73
N ARG B 282 13.50 -12.96 25.67
CA ARG B 282 12.47 -11.95 25.85
C ARG B 282 12.09 -11.38 24.48
N ALA B 283 11.25 -10.34 24.50
CA ALA B 283 10.78 -9.69 23.27
C ALA B 283 11.27 -8.25 23.24
N LEU B 284 11.74 -7.82 22.08
CA LEU B 284 12.19 -6.46 21.91
C LEU B 284 10.99 -5.50 21.98
N THR B 285 11.23 -4.34 22.57
CA THR B 285 10.22 -3.30 22.67
C THR B 285 10.21 -2.45 21.41
N VAL B 286 9.23 -1.54 21.34
CA VAL B 286 9.08 -0.72 20.13
C VAL B 286 10.31 0.12 19.84
N PRO B 287 10.88 0.87 20.79
CA PRO B 287 12.08 1.65 20.45
C PRO B 287 13.23 0.79 19.96
N GLU B 288 13.43 -0.38 20.57
CA GLU B 288 14.51 -1.26 20.16
C GLU B 288 14.28 -1.78 18.75
N LEU B 289 13.04 -2.18 18.44
CA LEU B 289 12.73 -2.64 17.09
C LEU B 289 12.93 -1.52 16.08
N THR B 290 12.54 -0.30 16.43
CA THR B 290 12.71 0.83 15.53
C THR B 290 14.19 1.11 15.25
N GLN B 291 15.02 1.14 16.30
CA GLN B 291 16.43 1.44 16.10
C GLN B 291 17.19 0.28 15.49
N GLN B 292 16.65 -0.94 15.55
CA GLN B 292 17.28 -2.05 14.87
C GLN B 292 16.88 -2.12 13.39
N MET B 293 15.62 -1.80 13.11
CA MET B 293 15.11 -1.92 11.74
C MET B 293 15.77 -0.91 10.81
N PHE B 294 15.77 0.36 11.21
CA PHE B 294 16.24 1.42 10.33
C PHE B 294 17.75 1.45 10.18
N ASP B 295 18.48 0.73 11.03
CA ASP B 295 19.92 0.66 10.89
C ASP B 295 20.29 -0.11 9.63
N ALA B 296 21.48 0.18 9.10
CA ALA B 296 21.97 -0.50 7.91
C ALA B 296 22.27 -1.97 8.15
N LYS B 297 22.30 -2.40 9.41
CA LYS B 297 22.60 -3.80 9.75
C LYS B 297 21.39 -4.71 9.65
N ASN B 298 20.29 -4.27 9.01
CA ASN B 298 19.09 -5.08 8.92
C ASN B 298 18.50 -5.07 7.50
N MET B 299 19.30 -4.77 6.49
CA MET B 299 18.82 -4.69 5.12
C MET B 299 19.52 -5.75 4.27
N MET B 300 18.75 -6.51 3.51
CA MET B 300 19.30 -7.52 2.62
C MET B 300 19.97 -6.93 1.39
N ALA B 301 19.81 -5.63 1.15
CA ALA B 301 20.57 -4.95 0.11
C ALA B 301 21.85 -4.38 0.73
N ALA B 302 22.98 -4.60 0.07
CA ALA B 302 24.25 -4.07 0.59
C ALA B 302 24.38 -2.59 0.26
N CYS B 303 23.38 -1.81 0.68
CA CYS B 303 23.32 -0.39 0.40
C CYS B 303 23.33 0.38 1.71
N ASP B 304 23.90 1.56 1.70
CA ASP B 304 23.88 2.42 2.87
C ASP B 304 22.70 3.36 2.76
N PRO B 305 21.63 3.18 3.53
CA PRO B 305 20.47 4.09 3.42
C PRO B 305 20.81 5.52 3.78
N ARG B 306 21.80 5.74 4.63
CA ARG B 306 22.22 7.10 4.94
C ARG B 306 22.80 7.83 3.74
N HIS B 307 23.32 7.09 2.76
CA HIS B 307 23.82 7.71 1.54
C HIS B 307 22.71 8.33 0.71
N GLY B 308 21.49 7.79 0.78
CA GLY B 308 20.40 8.28 -0.04
C GLY B 308 19.21 8.76 0.77
N ARG B 309 18.10 9.01 0.09
CA ARG B 309 16.87 9.48 0.74
C ARG B 309 15.74 8.52 0.42
N TYR B 310 14.91 8.25 1.43
CA TYR B 310 13.81 7.31 1.30
C TYR B 310 12.69 7.96 0.51
N LEU B 311 12.38 7.39 -0.66
CA LEU B 311 11.31 7.96 -1.48
C LEU B 311 9.94 7.61 -0.90
N THR B 312 9.63 6.33 -0.81
CA THR B 312 8.43 5.86 -0.13
C THR B 312 8.77 4.61 0.66
N VAL B 313 8.31 4.54 1.90
CA VAL B 313 8.62 3.42 2.78
C VAL B 313 7.35 2.92 3.43
N ALA B 314 7.40 1.67 3.88
CA ALA B 314 6.32 1.05 4.63
C ALA B 314 6.91 0.10 5.64
N ALA B 315 6.26 0.00 6.80
CA ALA B 315 6.72 -0.86 7.88
C ALA B 315 5.59 -1.79 8.30
N VAL B 316 5.84 -3.09 8.24
CA VAL B 316 4.84 -4.09 8.59
C VAL B 316 5.24 -4.69 9.94
N PHE B 317 4.34 -4.59 10.92
CA PHE B 317 4.59 -5.09 12.26
C PHE B 317 3.71 -6.30 12.54
N ARG B 318 4.33 -7.37 13.04
CA ARG B 318 3.62 -8.60 13.37
C ARG B 318 3.79 -8.90 14.85
N GLY B 319 2.72 -9.31 15.50
CA GLY B 319 2.73 -9.62 16.91
C GLY B 319 1.76 -8.75 17.69
N ARG B 320 1.83 -8.91 19.01
CA ARG B 320 0.99 -8.13 19.92
C ARG B 320 1.78 -6.91 20.37
N MET B 321 1.44 -5.75 19.81
CA MET B 321 2.03 -4.49 20.22
C MET B 321 0.91 -3.49 20.49
N SER B 322 1.19 -2.53 21.36
CA SER B 322 0.33 -1.36 21.47
C SER B 322 0.78 -0.37 20.41
N MET B 323 -0.06 -0.16 19.40
CA MET B 323 0.37 0.61 18.24
C MET B 323 0.50 2.10 18.53
N LYS B 324 0.06 2.58 19.70
CA LYS B 324 0.24 3.98 20.05
C LYS B 324 1.73 4.33 20.07
N GLU B 325 2.52 3.56 20.80
CA GLU B 325 3.96 3.80 20.81
C GLU B 325 4.58 3.52 19.44
N VAL B 326 3.96 2.64 18.65
CA VAL B 326 4.46 2.39 17.29
C VAL B 326 4.37 3.68 16.46
N ASP B 327 3.19 4.30 16.44
CA ASP B 327 3.02 5.55 15.71
C ASP B 327 3.93 6.63 16.29
N GLU B 328 4.06 6.66 17.62
CA GLU B 328 4.97 7.64 18.23
C GLU B 328 6.38 7.46 17.72
N GLN B 329 6.94 6.26 17.85
CA GLN B 329 8.33 6.05 17.45
C GLN B 329 8.53 6.34 15.97
N MET B 330 7.52 6.02 15.14
CA MET B 330 7.64 6.34 13.73
C MET B 330 7.69 7.85 13.50
N LEU B 331 6.87 8.62 14.23
CA LEU B 331 6.90 10.07 14.00
C LEU B 331 8.17 10.71 14.57
N ASN B 332 8.69 10.21 15.70
CA ASN B 332 10.01 10.67 16.15
C ASN B 332 11.11 10.32 15.15
N VAL B 333 11.02 9.16 14.50
CA VAL B 333 11.99 8.84 13.47
C VAL B 333 11.87 9.82 12.31
N GLN B 334 10.65 10.12 11.89
CA GLN B 334 10.46 11.05 10.77
C GLN B 334 11.01 12.44 11.12
N ASN B 335 10.76 12.91 12.34
CA ASN B 335 11.29 14.21 12.75
C ASN B 335 12.81 14.18 12.83
N LYS B 336 13.38 13.12 13.41
CA LYS B 336 14.82 13.09 13.63
C LYS B 336 15.59 12.94 12.33
N ASN B 337 15.17 12.01 11.48
CA ASN B 337 15.89 11.68 10.25
C ASN B 337 15.27 12.34 9.03
N SER B 338 14.76 13.57 9.18
CA SER B 338 14.10 14.26 8.07
C SER B 338 15.03 14.47 6.89
N SER B 339 16.34 14.54 7.12
CA SER B 339 17.28 14.70 6.01
C SER B 339 17.38 13.44 5.15
N TYR B 340 16.95 12.29 5.67
CA TYR B 340 16.99 11.04 4.93
C TYR B 340 15.66 10.70 4.26
N PHE B 341 14.69 11.60 4.31
CA PHE B 341 13.40 11.42 3.65
C PHE B 341 13.17 12.57 2.70
N VAL B 342 12.72 12.27 1.48
CA VAL B 342 12.41 13.32 0.51
C VAL B 342 11.13 14.02 0.94
N GLU B 343 11.16 15.35 0.95
CA GLU B 343 10.03 16.13 1.41
C GLU B 343 8.99 16.37 0.35
N TRP B 344 9.24 16.00 -0.90
CA TRP B 344 8.32 16.32 -1.98
C TRP B 344 7.31 15.22 -2.26
N ILE B 345 7.28 14.16 -1.46
CA ILE B 345 6.19 13.20 -1.46
C ILE B 345 5.66 13.10 -0.04
N PRO B 346 4.59 13.81 0.28
CA PRO B 346 4.09 13.81 1.66
C PRO B 346 3.52 12.45 2.04
N ASN B 347 3.63 12.15 3.34
CA ASN B 347 3.06 10.94 3.93
C ASN B 347 3.62 9.67 3.27
N ASN B 348 4.92 9.67 3.02
CA ASN B 348 5.56 8.53 2.37
C ASN B 348 5.97 7.45 3.37
N VAL B 349 5.54 7.56 4.62
CA VAL B 349 5.81 6.55 5.63
C VAL B 349 4.51 5.82 5.93
N LYS B 350 4.58 4.50 6.05
CA LYS B 350 3.39 3.67 6.19
C LYS B 350 3.62 2.61 7.26
N THR B 351 2.58 2.33 8.04
CA THR B 351 2.66 1.34 9.10
C THR B 351 1.51 0.36 8.97
N ALA B 352 1.85 -0.93 8.95
CA ALA B 352 0.87 -2.00 8.92
C ALA B 352 1.06 -2.90 10.14
N VAL B 353 -0.04 -3.44 10.65
CA VAL B 353 -0.04 -4.25 11.86
C VAL B 353 -0.61 -5.62 11.53
N CYS B 354 0.04 -6.66 12.04
CA CYS B 354 -0.43 -8.02 11.91
C CYS B 354 -0.35 -8.70 13.27
N ASP B 355 -1.22 -9.69 13.48
CA ASP B 355 -1.34 -10.33 14.78
C ASP B 355 -0.67 -11.70 14.85
N ILE B 356 -0.21 -12.24 13.72
CA ILE B 356 0.38 -13.57 13.67
C ILE B 356 1.88 -13.42 13.46
N PRO B 357 2.71 -13.71 14.46
CA PRO B 357 4.15 -13.55 14.31
C PRO B 357 4.78 -14.82 13.77
N PRO B 358 5.97 -14.73 13.18
CA PRO B 358 6.65 -15.92 12.68
C PRO B 358 7.08 -16.83 13.82
N ARG B 359 7.23 -18.11 13.49
CA ARG B 359 7.64 -19.09 14.49
C ARG B 359 9.06 -18.80 14.96
N GLY B 360 9.30 -19.01 16.26
CA GLY B 360 10.59 -18.77 16.86
C GLY B 360 10.77 -17.39 17.46
N LEU B 361 9.95 -16.42 17.07
CA LEU B 361 10.01 -15.07 17.60
C LEU B 361 8.59 -14.59 17.89
N LYS B 362 8.30 -14.27 19.15
CA LYS B 362 6.97 -13.78 19.49
C LYS B 362 6.74 -12.38 18.93
N MET B 363 7.78 -11.60 18.76
CA MET B 363 7.70 -10.25 18.22
C MET B 363 8.58 -10.14 16.99
N SER B 364 8.07 -9.48 15.94
CA SER B 364 8.83 -9.31 14.71
C SER B 364 8.34 -8.06 13.99
N ALA B 365 9.18 -7.56 13.10
CA ALA B 365 8.87 -6.35 12.36
C ALA B 365 9.69 -6.31 11.09
N THR B 366 9.02 -6.14 9.95
CA THR B 366 9.66 -6.16 8.65
C THR B 366 9.44 -4.84 7.94
N PHE B 367 10.40 -4.47 7.09
CA PHE B 367 10.42 -3.16 6.45
C PHE B 367 10.68 -3.31 4.95
N ILE B 368 9.96 -2.52 4.16
CA ILE B 368 10.22 -2.38 2.73
C ILE B 368 10.33 -0.91 2.42
N GLY B 369 11.41 -0.52 1.75
CA GLY B 369 11.65 0.88 1.48
C GLY B 369 12.19 1.17 0.10
N ASN B 370 11.62 2.17 -0.55
CA ASN B 370 12.10 2.65 -1.85
C ASN B 370 13.05 3.81 -1.59
N SER B 371 14.34 3.58 -1.82
CA SER B 371 15.35 4.59 -1.56
C SER B 371 16.21 4.79 -2.80
N THR B 372 16.79 5.97 -2.91
CA THR B 372 17.74 6.26 -3.98
C THR B 372 19.12 5.69 -3.70
N ALA B 373 19.34 5.11 -2.52
CA ALA B 373 20.63 4.53 -2.19
C ALA B 373 20.92 3.26 -2.99
N ILE B 374 19.90 2.67 -3.62
CA ILE B 374 20.13 1.46 -4.39
C ILE B 374 20.85 1.71 -5.70
N GLN B 375 21.10 2.98 -6.04
CA GLN B 375 21.87 3.29 -7.23
C GLN B 375 23.29 2.74 -7.14
N GLU B 376 23.80 2.51 -5.93
CA GLU B 376 25.18 2.08 -5.79
C GLU B 376 25.39 0.65 -6.27
N LEU B 377 24.36 -0.20 -6.15
CA LEU B 377 24.48 -1.54 -6.73
C LEU B 377 24.52 -1.48 -8.25
N PHE B 378 23.76 -0.57 -8.84
CA PHE B 378 23.88 -0.33 -10.27
C PHE B 378 25.28 0.15 -10.61
N LYS B 379 25.85 1.03 -9.78
CA LYS B 379 27.21 1.50 -10.00
C LYS B 379 28.20 0.34 -9.96
N ARG B 380 28.10 -0.54 -8.97
CA ARG B 380 29.07 -1.64 -8.88
C ARG B 380 28.90 -2.62 -10.03
N ILE B 381 27.66 -2.89 -10.44
CA ILE B 381 27.41 -3.69 -11.62
C ILE B 381 28.09 -3.06 -12.82
N SER B 382 28.03 -1.72 -12.93
CA SER B 382 28.71 -1.03 -14.01
C SER B 382 30.22 -1.19 -13.91
N GLU B 383 30.77 -1.11 -12.70
CA GLU B 383 32.23 -1.26 -12.55
C GLU B 383 32.69 -2.63 -13.04
N GLN B 384 31.93 -3.69 -12.71
CA GLN B 384 32.27 -5.00 -13.23
C GLN B 384 32.11 -5.05 -14.76
N PHE B 385 30.97 -4.56 -15.26
CA PHE B 385 30.54 -4.90 -16.62
C PHE B 385 31.26 -4.04 -17.66
N THR B 386 31.54 -2.78 -17.36
CA THR B 386 32.32 -1.98 -18.30
C THR B 386 33.76 -2.48 -18.39
N ALA B 387 34.32 -2.94 -17.27
CA ALA B 387 35.68 -3.47 -17.29
C ALA B 387 35.73 -4.77 -18.11
N MET B 388 34.71 -5.61 -17.99
CA MET B 388 34.62 -6.75 -18.91
C MET B 388 34.29 -6.37 -20.35
N PHE B 389 33.64 -5.23 -20.58
CA PHE B 389 33.38 -4.79 -21.95
C PHE B 389 34.65 -4.32 -22.66
N ARG B 390 35.44 -3.49 -21.98
CA ARG B 390 36.56 -2.86 -22.68
C ARG B 390 37.56 -3.88 -23.21
N ARG B 391 37.54 -5.10 -22.68
CA ARG B 391 38.42 -6.18 -23.12
C ARG B 391 37.69 -7.27 -23.89
N LYS B 392 36.36 -7.18 -24.03
CA LYS B 392 35.55 -8.22 -24.65
C LYS B 392 35.82 -9.59 -24.01
N ALA B 393 35.63 -9.64 -22.69
CA ALA B 393 35.89 -10.85 -21.92
C ALA B 393 34.84 -11.90 -22.24
N PHE B 394 35.26 -12.94 -22.97
CA PHE B 394 34.40 -14.08 -23.31
C PHE B 394 33.14 -13.63 -24.05
N LEU B 395 33.24 -12.59 -24.87
CA LEU B 395 32.08 -12.14 -25.63
C LEU B 395 31.71 -13.13 -26.72
N HIS B 396 32.68 -13.89 -27.23
CA HIS B 396 32.42 -14.89 -28.25
C HIS B 396 31.60 -16.06 -27.74
N TRP B 397 31.48 -16.23 -26.42
CA TRP B 397 30.53 -17.21 -25.88
C TRP B 397 29.09 -16.76 -26.00
N TYR B 398 28.85 -15.46 -26.17
CA TYR B 398 27.51 -14.93 -26.39
C TYR B 398 27.22 -14.60 -27.84
N THR B 399 28.24 -14.28 -28.63
CA THR B 399 28.01 -14.03 -30.06
C THR B 399 27.50 -15.27 -30.77
N GLY B 400 28.02 -16.44 -30.42
CA GLY B 400 27.63 -17.67 -31.07
C GLY B 400 26.29 -18.23 -30.66
N GLU B 401 25.62 -17.61 -29.68
CA GLU B 401 24.30 -18.04 -29.24
C GLU B 401 23.19 -17.14 -29.77
N GLY B 402 23.48 -16.32 -30.78
CA GLY B 402 22.48 -15.44 -31.34
C GLY B 402 22.31 -14.13 -30.60
N MET B 403 23.29 -13.72 -29.79
CA MET B 403 23.20 -12.51 -29.00
C MET B 403 24.38 -11.61 -29.37
N ASP B 404 24.08 -10.35 -29.69
CA ASP B 404 25.08 -9.42 -30.21
C ASP B 404 25.42 -8.38 -29.17
N GLU B 405 26.46 -7.59 -29.44
CA GLU B 405 26.89 -6.57 -28.48
C GLU B 405 25.99 -5.35 -28.47
N MET B 406 25.12 -5.19 -29.46
CA MET B 406 24.16 -4.08 -29.42
C MET B 406 23.29 -4.15 -28.18
N GLU B 407 22.84 -5.35 -27.80
CA GLU B 407 22.02 -5.48 -26.60
C GLU B 407 22.77 -5.09 -25.34
N PHE B 408 24.05 -5.49 -25.21
CA PHE B 408 24.82 -5.03 -24.07
C PHE B 408 24.99 -3.52 -24.07
N THR B 409 25.15 -2.92 -25.25
CA THR B 409 25.26 -1.45 -25.30
C THR B 409 23.97 -0.78 -24.85
N GLU B 410 22.82 -1.30 -25.29
CA GLU B 410 21.55 -0.74 -24.82
C GLU B 410 21.41 -0.94 -23.32
N ALA B 411 21.89 -2.07 -22.81
CA ALA B 411 21.86 -2.31 -21.37
C ALA B 411 22.70 -1.28 -20.60
N GLU B 412 23.91 -0.99 -21.09
CA GLU B 412 24.75 -0.04 -20.36
C GLU B 412 24.17 1.37 -20.47
N SER B 413 23.53 1.68 -21.60
CA SER B 413 22.85 2.97 -21.72
C SER B 413 21.72 3.08 -20.70
N ASN B 414 20.90 2.04 -20.57
CA ASN B 414 19.80 2.09 -19.61
C ASN B 414 20.32 2.14 -18.17
N MET B 415 21.40 1.42 -17.89
CA MET B 415 22.00 1.47 -16.55
C MET B 415 22.49 2.87 -16.21
N ASN B 416 23.19 3.50 -17.15
CA ASN B 416 23.67 4.86 -16.92
C ASN B 416 22.50 5.82 -16.75
N ASP B 417 21.44 5.63 -17.54
CA ASP B 417 20.26 6.47 -17.40
C ASP B 417 19.63 6.32 -16.02
N LEU B 418 19.52 5.09 -15.53
CA LEU B 418 18.96 4.86 -14.19
C LEU B 418 19.83 5.48 -13.11
N VAL B 419 21.15 5.34 -13.22
CA VAL B 419 22.04 5.93 -12.24
C VAL B 419 21.88 7.45 -12.23
N SER B 420 21.85 8.04 -13.42
CA SER B 420 21.68 9.49 -13.52
C SER B 420 20.33 9.94 -12.96
N GLU B 421 19.28 9.18 -13.24
CA GLU B 421 17.95 9.54 -12.73
C GLU B 421 17.90 9.46 -11.21
N TYR B 422 18.48 8.40 -10.64
CA TYR B 422 18.53 8.29 -9.19
C TYR B 422 19.31 9.45 -8.58
N GLN B 423 20.46 9.80 -9.17
CA GLN B 423 21.24 10.90 -8.65
C GLN B 423 20.48 12.22 -8.74
N GLN B 424 19.79 12.45 -9.86
CA GLN B 424 19.05 13.70 -10.01
C GLN B 424 17.86 13.76 -9.07
N TYR B 425 17.26 12.61 -8.73
CA TYR B 425 16.17 12.61 -7.77
C TYR B 425 16.67 12.68 -6.34
N GLN B 426 17.96 12.40 -6.10
CA GLN B 426 18.52 12.60 -4.78
C GLN B 426 18.38 14.03 -4.32
N ASP B 427 18.41 14.99 -5.24
CA ASP B 427 18.30 16.40 -4.91
C ASP B 427 16.84 16.88 -5.00
N HIS C 263 51.12 -7.11 -19.54
CA HIS C 263 51.38 -7.77 -18.27
C HIS C 263 51.69 -9.25 -18.45
N GLY C 264 52.19 -9.88 -17.38
CA GLY C 264 52.54 -11.28 -17.43
C GLY C 264 51.93 -12.04 -16.26
N VAL C 265 52.00 -13.36 -16.36
CA VAL C 265 51.39 -14.24 -15.37
C VAL C 265 52.20 -14.28 -14.06
N PRO C 266 53.54 -14.26 -14.06
CA PRO C 266 54.23 -14.17 -12.76
C PRO C 266 53.89 -12.89 -12.02
N TYR C 267 53.58 -11.82 -12.75
CA TYR C 267 53.09 -10.60 -12.12
C TYR C 267 51.79 -10.88 -11.38
N PHE C 268 50.89 -11.65 -12.00
CA PHE C 268 49.66 -12.05 -11.34
C PHE C 268 49.93 -12.83 -10.06
N ARG C 269 50.80 -13.85 -10.14
CA ARG C 269 51.08 -14.63 -8.93
C ARG C 269 51.69 -13.77 -7.83
N ASN C 270 52.64 -12.90 -8.20
CA ASN C 270 53.31 -12.09 -7.18
C ASN C 270 52.33 -11.16 -6.49
N ILE C 271 51.52 -10.44 -7.25
CA ILE C 271 50.55 -9.53 -6.63
C ILE C 271 49.51 -10.31 -5.86
N LEU C 272 49.17 -11.53 -6.33
CA LEU C 272 48.20 -12.35 -5.62
C LEU C 272 48.71 -12.69 -4.23
N GLN C 273 49.92 -13.24 -4.16
CA GLN C 273 50.47 -13.61 -2.86
C GLN C 273 50.66 -12.38 -1.98
N SER C 274 51.05 -11.25 -2.56
CA SER C 274 51.17 -10.03 -1.77
C SER C 274 49.83 -9.63 -1.16
N GLU C 275 48.77 -9.66 -1.96
CA GLU C 275 47.45 -9.28 -1.45
C GLU C 275 46.97 -10.23 -0.37
N THR C 276 47.13 -11.54 -0.58
CA THR C 276 46.74 -12.49 0.46
C THR C 276 47.54 -12.26 1.73
N GLU C 277 48.85 -12.01 1.60
CA GLU C 277 49.68 -11.82 2.78
C GLU C 277 49.24 -10.58 3.57
N LYS C 278 48.97 -9.47 2.89
CA LYS C 278 48.59 -8.27 3.63
C LYS C 278 47.21 -8.43 4.26
N LEU C 279 46.26 -9.04 3.53
CA LEU C 279 44.94 -9.24 4.10
C LEU C 279 45.00 -10.16 5.31
N THR C 280 45.79 -11.22 5.24
CA THR C 280 45.92 -12.12 6.38
C THR C 280 46.64 -11.45 7.55
N SER C 281 47.61 -10.58 7.27
CA SER C 281 48.24 -9.83 8.35
C SER C 281 47.23 -8.95 9.06
N HIS C 282 46.39 -8.27 8.28
CA HIS C 282 45.27 -7.52 8.86
C HIS C 282 44.38 -8.44 9.68
N CYS C 283 44.13 -9.66 9.20
CA CYS C 283 43.28 -10.59 9.93
C CYS C 283 43.88 -10.94 11.29
N PHE C 284 45.18 -11.27 11.32
CA PHE C 284 45.80 -11.60 12.60
C PHE C 284 45.80 -10.41 13.55
N GLU C 285 46.11 -9.21 13.06
CA GLU C 285 46.11 -8.08 14.00
C GLU C 285 44.70 -7.79 14.49
N TRP C 286 43.68 -7.96 13.64
CA TRP C 286 42.31 -7.76 14.08
C TRP C 286 41.92 -8.76 15.17
N ASP C 287 42.19 -10.04 14.96
CA ASP C 287 41.79 -11.02 15.97
C ASP C 287 42.61 -10.87 17.25
N ARG C 288 43.87 -10.46 17.13
CA ARG C 288 44.68 -10.23 18.32
C ARG C 288 44.16 -9.05 19.12
N LYS C 289 43.73 -7.97 18.44
CA LYS C 289 43.18 -6.82 19.13
C LYS C 289 41.77 -7.07 19.66
N LEU C 290 41.04 -8.03 19.08
CA LEU C 290 39.69 -8.32 19.54
C LEU C 290 39.63 -8.84 20.98
N GLU C 291 40.76 -9.28 21.54
CA GLU C 291 40.74 -9.85 22.89
C GLU C 291 40.37 -8.83 23.95
N LEU C 292 40.70 -7.55 23.73
CA LEU C 292 40.36 -6.50 24.69
C LEU C 292 38.87 -6.17 24.61
N ASP C 293 38.35 -5.64 25.72
CA ASP C 293 36.91 -5.35 25.84
C ASP C 293 36.57 -4.02 25.13
N ILE C 294 36.80 -4.02 23.82
CA ILE C 294 36.41 -2.91 22.96
C ILE C 294 34.89 -2.91 22.84
N PRO C 295 34.24 -1.79 22.53
CA PRO C 295 32.77 -1.78 22.54
C PRO C 295 32.18 -2.70 21.48
N ASP C 296 30.96 -3.15 21.75
CA ASP C 296 30.33 -4.19 20.94
C ASP C 296 30.18 -3.75 19.48
N ASP C 297 29.92 -2.47 19.24
CA ASP C 297 29.83 -1.98 17.86
C ASP C 297 31.16 -2.14 17.14
N ALA C 298 32.25 -1.77 17.81
CA ALA C 298 33.57 -1.95 17.21
C ALA C 298 33.88 -3.42 17.00
N LYS C 299 33.51 -4.27 17.97
CA LYS C 299 33.71 -5.70 17.81
C LYS C 299 32.97 -6.23 16.58
N ASP C 300 31.72 -5.80 16.41
CA ASP C 300 30.94 -6.23 15.26
C ASP C 300 31.55 -5.76 13.96
N LEU C 301 32.00 -4.51 13.90
CA LEU C 301 32.61 -3.99 12.68
C LEU C 301 33.88 -4.75 12.33
N ILE C 302 34.74 -5.00 13.33
CA ILE C 302 35.97 -5.74 13.10
C ILE C 302 35.66 -7.16 12.64
N ARG C 303 34.68 -7.80 13.28
CA ARG C 303 34.30 -9.15 12.90
C ARG C 303 33.81 -9.19 11.45
N THR C 304 32.96 -8.24 11.07
CA THR C 304 32.49 -8.19 9.69
C THR C 304 33.65 -8.01 8.73
N ALA C 305 34.60 -7.14 9.08
CA ALA C 305 35.74 -6.90 8.19
C ALA C 305 36.56 -8.17 7.98
N VAL C 306 36.91 -8.85 9.08
CA VAL C 306 37.77 -10.03 8.95
C VAL C 306 37.02 -11.15 8.24
N GLY C 307 35.72 -11.30 8.51
CA GLY C 307 34.95 -12.33 7.83
C GLY C 307 34.81 -12.06 6.34
N GLN C 308 34.61 -10.81 5.96
CA GLN C 308 34.56 -10.46 4.54
C GLN C 308 35.90 -10.72 3.86
N THR C 309 36.99 -10.40 4.57
CA THR C 309 38.32 -10.70 4.04
C THR C 309 38.51 -12.19 3.83
N ARG C 310 38.07 -13.00 4.80
CA ARG C 310 38.20 -14.45 4.67
C ARG C 310 37.31 -14.99 3.56
N LEU C 311 36.13 -14.39 3.38
CA LEU C 311 35.26 -14.80 2.29
C LEU C 311 35.91 -14.52 0.94
N LEU C 312 36.55 -13.36 0.81
CA LEU C 312 37.31 -13.07 -0.41
C LEU C 312 38.48 -14.04 -0.56
N MET C 313 39.08 -14.44 0.56
CA MET C 313 40.14 -15.43 0.54
C MET C 313 39.66 -16.75 -0.06
N LYS C 314 38.68 -17.38 0.58
CA LYS C 314 38.28 -18.73 0.20
C LYS C 314 37.55 -18.74 -1.13
N GLU C 315 36.63 -17.81 -1.34
CA GLU C 315 35.78 -17.81 -2.52
C GLU C 315 36.43 -17.08 -3.70
N ARG C 316 36.71 -15.80 -3.54
CA ARG C 316 37.24 -15.01 -4.67
C ARG C 316 38.63 -15.48 -5.07
N PHE C 317 39.54 -15.59 -4.11
CA PHE C 317 40.94 -15.79 -4.45
C PHE C 317 41.21 -17.21 -4.95
N LYS C 318 40.55 -18.21 -4.35
CA LYS C 318 40.76 -19.58 -4.82
C LYS C 318 40.24 -19.76 -6.24
N GLN C 319 39.04 -19.26 -6.52
CA GLN C 319 38.52 -19.33 -7.89
C GLN C 319 39.38 -18.50 -8.83
N PHE C 320 39.97 -17.40 -8.34
CA PHE C 320 40.70 -16.52 -9.25
C PHE C 320 42.03 -17.17 -9.60
N GLU C 321 42.65 -17.82 -8.62
CA GLU C 321 43.85 -18.60 -8.91
C GLU C 321 43.52 -19.81 -9.77
N GLY C 322 42.29 -20.32 -9.67
CA GLY C 322 41.83 -21.30 -10.62
C GLY C 322 41.81 -20.74 -12.04
N LEU C 323 41.44 -19.47 -12.18
CA LEU C 323 41.50 -18.83 -13.49
C LEU C 323 42.93 -18.58 -13.95
N VAL C 324 43.85 -18.31 -13.03
CA VAL C 324 45.26 -18.25 -13.41
C VAL C 324 45.73 -19.59 -13.94
N ASP C 325 45.31 -20.68 -13.29
CA ASP C 325 45.61 -22.01 -13.82
C ASP C 325 44.96 -22.21 -15.18
N ASP C 326 43.74 -21.70 -15.34
CA ASP C 326 43.06 -21.73 -16.64
C ASP C 326 43.90 -21.08 -17.72
N CYS C 327 44.43 -19.89 -17.44
CA CYS C 327 45.24 -19.18 -18.43
C CYS C 327 46.59 -19.85 -18.66
N GLU C 328 47.14 -20.50 -17.63
CA GLU C 328 48.48 -21.07 -17.74
C GLU C 328 48.46 -22.42 -18.45
N TYR C 329 47.68 -23.36 -17.95
CA TYR C 329 47.65 -24.72 -18.50
C TYR C 329 46.66 -24.89 -19.63
N LYS C 330 45.85 -23.86 -19.92
CA LYS C 330 44.81 -23.93 -20.95
C LYS C 330 43.88 -25.12 -20.72
N ARG C 331 43.51 -25.33 -19.46
CA ARG C 331 42.62 -26.42 -19.06
C ARG C 331 41.29 -25.84 -18.56
N GLY C 332 40.19 -26.48 -18.94
CA GLY C 332 38.88 -26.03 -18.50
C GLY C 332 37.82 -26.06 -19.58
N ILE C 333 36.85 -25.14 -19.49
CA ILE C 333 35.76 -25.11 -20.45
C ILE C 333 36.23 -24.54 -21.78
N LYS C 334 36.68 -23.28 -21.77
CA LYS C 334 37.14 -22.60 -22.98
C LYS C 334 38.35 -21.76 -22.65
N GLU C 335 39.01 -21.27 -23.69
CA GLU C 335 40.27 -20.55 -23.53
C GLU C 335 40.05 -19.18 -22.91
N THR C 336 41.13 -18.66 -22.32
CA THR C 336 41.14 -17.35 -21.67
C THR C 336 42.48 -16.67 -21.92
N THR C 337 42.45 -15.35 -22.10
CA THR C 337 43.64 -14.57 -22.38
C THR C 337 44.01 -13.73 -21.16
N CYS C 338 45.14 -13.04 -21.27
CA CYS C 338 45.68 -12.30 -20.12
C CYS C 338 44.87 -11.05 -19.81
N THR C 339 44.26 -10.43 -20.83
CA THR C 339 43.48 -9.22 -20.59
C THR C 339 42.26 -9.52 -19.72
N ASP C 340 41.67 -10.70 -19.88
CA ASP C 340 40.60 -11.12 -18.99
C ASP C 340 41.09 -11.19 -17.55
N LEU C 341 42.31 -11.70 -17.36
CA LEU C 341 42.90 -11.74 -16.02
C LEU C 341 43.10 -10.34 -15.47
N ASP C 342 43.52 -9.41 -16.32
CA ASP C 342 43.67 -8.01 -15.89
C ASP C 342 42.34 -7.45 -15.42
N GLY C 343 41.29 -7.64 -16.22
CA GLY C 343 39.97 -7.16 -15.82
C GLY C 343 39.51 -7.79 -14.53
N PHE C 344 39.81 -9.08 -14.37
CA PHE C 344 39.47 -9.74 -13.13
C PHE C 344 40.21 -9.10 -11.95
N TRP C 345 41.49 -8.77 -12.14
CA TRP C 345 42.20 -8.11 -11.05
C TRP C 345 41.61 -6.74 -10.75
N ASP C 346 41.08 -6.04 -11.76
CA ASP C 346 40.40 -4.79 -11.46
C ASP C 346 39.16 -5.01 -10.60
N MET C 347 38.35 -6.03 -10.92
CA MET C 347 37.15 -6.19 -10.10
C MET C 347 37.47 -6.70 -8.71
N VAL C 348 38.54 -7.49 -8.55
CA VAL C 348 39.00 -7.77 -7.19
C VAL C 348 39.52 -6.50 -6.54
N SER C 349 40.16 -5.62 -7.31
CA SER C 349 40.87 -4.48 -6.75
C SER C 349 39.92 -3.47 -6.12
N PHE C 350 38.76 -3.23 -6.74
CA PHE C 350 37.83 -2.32 -6.06
C PHE C 350 37.42 -2.87 -4.69
N GLN C 351 37.19 -4.18 -4.59
CA GLN C 351 36.83 -4.73 -3.29
C GLN C 351 37.99 -4.71 -2.30
N ILE C 352 39.22 -4.91 -2.78
CA ILE C 352 40.35 -4.80 -1.85
C ILE C 352 40.52 -3.37 -1.36
N GLU C 353 40.38 -2.38 -2.26
CA GLU C 353 40.43 -0.99 -1.81
C GLU C 353 39.33 -0.72 -0.79
N ASP C 354 38.14 -1.26 -1.04
CA ASP C 354 37.04 -1.11 -0.09
C ASP C 354 37.42 -1.68 1.27
N VAL C 355 37.96 -2.89 1.31
CA VAL C 355 38.22 -3.54 2.59
C VAL C 355 39.35 -2.84 3.34
N ILE C 356 40.36 -2.35 2.61
CA ILE C 356 41.39 -1.58 3.30
C ILE C 356 40.80 -0.27 3.83
N HIS C 357 39.83 0.31 3.12
CA HIS C 357 39.17 1.50 3.64
C HIS C 357 38.42 1.17 4.94
N LYS C 358 37.73 0.03 4.97
CA LYS C 358 37.08 -0.38 6.21
C LYS C 358 38.10 -0.59 7.32
N PHE C 359 39.25 -1.18 7.00
CA PHE C 359 40.31 -1.31 8.00
C PHE C 359 40.75 0.05 8.50
N ASN C 360 40.82 1.04 7.61
CA ASN C 360 41.18 2.39 8.01
C ASN C 360 40.18 2.96 9.00
N ASN C 361 38.88 2.79 8.72
CA ASN C 361 37.89 3.29 9.67
C ASN C 361 37.93 2.54 11.00
N LEU C 362 38.23 1.23 10.97
CA LEU C 362 38.41 0.50 12.23
C LEU C 362 39.58 1.06 13.01
N ILE C 363 40.68 1.41 12.32
CA ILE C 363 41.81 2.03 12.99
C ILE C 363 41.41 3.37 13.60
N LYS C 364 40.61 4.16 12.86
CA LYS C 364 40.16 5.44 13.37
C LYS C 364 39.30 5.27 14.62
N LEU C 365 38.42 4.26 14.61
CA LEU C 365 37.61 4.00 15.80
C LEU C 365 38.48 3.54 16.97
N GLU C 366 39.49 2.72 16.69
CA GLU C 366 40.37 2.22 17.75
C GLU C 366 41.17 3.35 18.39
N GLU C 367 41.68 4.27 17.57
CA GLU C 367 42.41 5.40 18.12
C GLU C 367 41.49 6.36 18.86
N SER C 368 40.19 6.29 18.62
CA SER C 368 39.21 7.07 19.38
C SER C 368 38.71 6.36 20.63
N GLY C 369 39.09 5.10 20.82
CA GLY C 369 38.64 4.35 21.98
C GLY C 369 38.79 2.85 21.81
#